data_4X84
#
_entry.id   4X84
#
_cell.length_a   41.070
_cell.length_b   142.790
_cell.length_c   161.210
_cell.angle_alpha   90.000
_cell.angle_beta   90.000
_cell.angle_gamma   90.000
#
_symmetry.space_group_name_H-M   'P 21 21 21'
#
loop_
_entity.id
_entity.type
_entity.pdbx_description
1 polymer 'Ribose-5-phosphate isomerase A'
2 non-polymer 'CITRATE ANION'
3 water water
#
_entity_poly.entity_id   1
_entity_poly.type   'polypeptide(L)'
_entity_poly.pdbx_seq_one_letter_code
;MAHHHHHHMNQDQLKQAVAQAAVDHILPHLDSKSIVGVGTGSTANFFIDALARHKAEFDGAVASSEATAKRLKEHGIPVY
ELNTVSELEFYVDGADESNERLELIKGGGAALTREKIVAAVAKTFICIADASKLVPILGQFPLPVEVIPMARSHVARQLV
KLGGDPVYREGVLTDNGNIILDVHNLRIDSPVELEEKINAIVGVVTNGLFAARPADLLLLGTADGVKTLKA
;
_entity_poly.pdbx_strand_id   A,B,C,D
#
# COMPACT_ATOMS: atom_id res chain seq x y z
N HIS A 8 15.39 31.44 23.18
CA HIS A 8 14.81 30.20 22.67
C HIS A 8 15.50 29.73 21.40
N MET A 9 15.85 28.45 21.35
CA MET A 9 16.47 27.88 20.16
C MET A 9 15.48 26.99 19.43
N ASN A 10 15.40 27.17 18.11
CA ASN A 10 14.54 26.30 17.32
C ASN A 10 15.23 24.96 17.09
N GLN A 11 14.51 24.03 16.49
CA GLN A 11 15.03 22.68 16.32
C GLN A 11 16.29 22.62 15.46
N ASP A 12 16.34 23.44 14.40
CA ASP A 12 17.54 23.52 13.56
C ASP A 12 18.75 23.97 14.38
N GLN A 13 18.55 24.95 15.26
CA GLN A 13 19.64 25.47 16.05
C GLN A 13 20.16 24.45 17.07
N LEU A 14 19.25 23.65 17.62
CA LEU A 14 19.67 22.56 18.50
C LEU A 14 20.45 21.50 17.72
N LYS A 15 20.04 21.22 16.50
CA LYS A 15 20.77 20.29 15.64
C LYS A 15 22.16 20.83 15.28
N GLN A 16 22.26 22.12 15.01
CA GLN A 16 23.55 22.72 14.73
C GLN A 16 24.47 22.65 15.94
N ALA A 17 23.90 22.84 17.14
CA ALA A 17 24.69 22.78 18.35
C ALA A 17 25.33 21.40 18.55
N VAL A 18 24.56 20.33 18.35
CA VAL A 18 25.13 19.00 18.51
C VAL A 18 26.07 18.62 17.36
N ALA A 19 25.78 19.12 16.16
CA ALA A 19 26.69 18.92 15.03
C ALA A 19 28.07 19.48 15.35
N GLN A 20 28.09 20.71 15.88
CA GLN A 20 29.37 21.34 16.22
C GLN A 20 30.03 20.63 17.40
N ALA A 21 29.22 20.20 18.38
CA ALA A 21 29.76 19.45 19.51
C ALA A 21 30.46 18.17 19.05
N ALA A 22 29.89 17.49 18.06
CA ALA A 22 30.51 16.29 17.51
C ALA A 22 31.85 16.59 16.86
N VAL A 23 31.91 17.68 16.07
CA VAL A 23 33.18 18.10 15.50
C VAL A 23 34.20 18.42 16.59
N ASP A 24 33.78 19.15 17.63
CA ASP A 24 34.68 19.49 18.73
C ASP A 24 35.25 18.24 19.38
N HIS A 25 34.41 17.22 19.51
CA HIS A 25 34.81 15.97 20.14
C HIS A 25 35.84 15.20 19.30
N ILE A 26 35.59 15.10 18.00
CA ILE A 26 36.44 14.26 17.15
C ILE A 26 37.71 14.95 16.65
N LEU A 27 37.68 16.27 16.54
CA LEU A 27 38.80 17.00 15.91
C LEU A 27 40.20 16.67 16.47
N PRO A 28 40.37 16.62 17.81
CA PRO A 28 41.71 16.29 18.32
C PRO A 28 42.19 14.89 17.95
N HIS A 29 41.26 14.04 17.50
CA HIS A 29 41.55 12.67 17.13
C HIS A 29 41.74 12.46 15.63
N LEU A 30 41.64 13.53 14.84
CA LEU A 30 41.75 13.40 13.39
C LEU A 30 43.15 13.75 12.89
N ASP A 31 43.68 12.90 12.02
CA ASP A 31 44.91 13.24 11.29
C ASP A 31 44.69 13.05 9.80
N SER A 32 45.75 13.17 9.02
CA SER A 32 45.62 13.16 7.58
C SER A 32 45.09 11.85 7.01
N LYS A 33 45.09 10.79 7.81
CA LYS A 33 44.62 9.48 7.37
CA LYS A 33 44.60 9.50 7.32
C LYS A 33 43.25 9.10 7.96
N SER A 34 42.65 10.02 8.71
CA SER A 34 41.34 9.78 9.30
C SER A 34 40.23 9.82 8.26
N ILE A 35 39.39 8.77 8.26
CA ILE A 35 38.18 8.73 7.45
C ILE A 35 37.00 8.67 8.43
N VAL A 36 36.03 9.57 8.22
CA VAL A 36 34.90 9.70 9.12
C VAL A 36 33.63 9.11 8.47
N GLY A 37 32.92 8.25 9.19
CA GLY A 37 31.64 7.75 8.72
C GLY A 37 30.54 8.78 8.97
N VAL A 38 29.69 9.01 7.96
CA VAL A 38 28.71 10.10 8.03
C VAL A 38 27.28 9.62 7.77
N GLY A 39 26.37 10.04 8.66
CA GLY A 39 24.96 9.69 8.56
C GLY A 39 24.22 10.38 7.42
N THR A 40 22.89 10.29 7.48
CA THR A 40 22.01 10.86 6.46
C THR A 40 20.89 11.65 7.12
N GLY A 41 20.50 12.75 6.50
CA GLY A 41 19.33 13.50 6.97
C GLY A 41 19.70 14.85 7.54
N SER A 42 18.72 15.51 8.15
CA SER A 42 18.88 16.90 8.53
C SER A 42 20.02 17.15 9.52
N THR A 43 20.12 16.32 10.55
CA THR A 43 21.13 16.55 11.58
C THR A 43 22.52 16.20 11.03
N ALA A 44 22.61 15.07 10.31
CA ALA A 44 23.86 14.70 9.67
C ALA A 44 24.34 15.78 8.70
N ASN A 45 23.42 16.41 7.99
CA ASN A 45 23.80 17.46 7.05
C ASN A 45 24.39 18.69 7.76
N PHE A 46 23.85 19.04 8.92
CA PHE A 46 24.46 20.10 9.73
C PHE A 46 25.87 19.69 10.19
N PHE A 47 26.04 18.41 10.50
CA PHE A 47 27.36 17.90 10.83
C PHE A 47 28.33 18.04 9.65
N ILE A 48 27.87 17.73 8.44
CA ILE A 48 28.72 17.90 7.26
C ILE A 48 29.16 19.36 7.13
N ASP A 49 28.23 20.29 7.34
CA ASP A 49 28.56 21.73 7.30
C ASP A 49 29.71 22.06 8.25
N ALA A 50 29.61 21.57 9.48
CA ALA A 50 30.61 21.87 10.51
C ALA A 50 31.93 21.16 10.23
N LEU A 51 31.86 19.90 9.83
CA LEU A 51 33.05 19.09 9.57
C LEU A 51 33.87 19.62 8.39
N ALA A 52 33.17 20.11 7.37
CA ALA A 52 33.82 20.56 6.14
C ALA A 52 34.79 21.71 6.36
N ARG A 53 34.57 22.48 7.42
CA ARG A 53 35.50 23.56 7.77
C ARG A 53 36.89 23.03 8.13
N HIS A 54 36.99 21.73 8.37
CA HIS A 54 38.25 21.09 8.78
C HIS A 54 38.75 20.07 7.77
N LYS A 55 38.26 20.14 6.53
CA LYS A 55 38.60 19.11 5.54
C LYS A 55 40.10 19.01 5.24
N ALA A 56 40.84 20.09 5.46
CA ALA A 56 42.29 20.08 5.25
C ALA A 56 43.04 19.35 6.37
N GLU A 57 42.31 18.86 7.36
CA GLU A 57 42.92 18.19 8.50
CA GLU A 57 42.90 18.18 8.51
C GLU A 57 42.69 16.67 8.51
N PHE A 58 41.84 16.18 7.61
CA PHE A 58 41.59 14.75 7.56
C PHE A 58 41.49 14.24 6.12
N ASP A 59 41.37 12.92 5.97
CA ASP A 59 41.39 12.30 4.65
C ASP A 59 40.06 12.47 3.93
N GLY A 60 39.01 11.84 4.43
CA GLY A 60 37.72 11.93 3.77
C GLY A 60 36.67 11.23 4.59
N ALA A 61 35.62 10.77 3.90
CA ALA A 61 34.44 10.26 4.58
C ALA A 61 33.86 9.05 3.87
N VAL A 62 33.13 8.24 4.63
CA VAL A 62 32.29 7.19 4.07
C VAL A 62 30.84 7.65 4.21
N ALA A 63 30.06 7.53 3.14
CA ALA A 63 28.66 7.96 3.13
C ALA A 63 27.71 6.82 3.49
N SER A 64 26.62 7.17 4.15
CA SER A 64 25.57 6.20 4.47
C SER A 64 24.36 6.30 3.53
N SER A 65 24.47 7.13 2.50
CA SER A 65 23.44 7.20 1.46
C SER A 65 23.99 7.90 0.23
N GLU A 66 23.30 7.73 -0.90
CA GLU A 66 23.69 8.46 -2.09
CA GLU A 66 23.68 8.47 -2.10
C GLU A 66 23.55 9.97 -1.88
N ALA A 67 22.53 10.39 -1.14
CA ALA A 67 22.31 11.79 -0.83
C ALA A 67 23.50 12.35 -0.02
N THR A 68 23.92 11.62 0.99
CA THR A 68 25.06 12.04 1.80
C THR A 68 26.35 12.10 0.97
N ALA A 69 26.54 11.16 0.06
CA ALA A 69 27.70 11.19 -0.81
C ALA A 69 27.72 12.49 -1.62
N LYS A 70 26.56 12.89 -2.14
CA LYS A 70 26.46 14.16 -2.85
C LYS A 70 26.76 15.35 -1.95
N ARG A 71 26.19 15.37 -0.75
CA ARG A 71 26.42 16.50 0.16
C ARG A 71 27.90 16.62 0.51
N LEU A 72 28.56 15.49 0.75
CA LEU A 72 29.98 15.49 1.06
C LEU A 72 30.79 16.07 -0.10
N LYS A 73 30.50 15.59 -1.31
CA LYS A 73 31.21 16.08 -2.49
C LYS A 73 30.96 17.57 -2.72
N GLU A 74 29.73 18.01 -2.48
CA GLU A 74 29.40 19.43 -2.64
C GLU A 74 30.20 20.30 -1.68
N HIS A 75 30.60 19.73 -0.54
CA HIS A 75 31.43 20.43 0.44
C HIS A 75 32.92 20.20 0.24
N GLY A 76 33.28 19.47 -0.81
CA GLY A 76 34.68 19.21 -1.10
C GLY A 76 35.38 18.17 -0.25
N ILE A 77 34.59 17.30 0.40
CA ILE A 77 35.14 16.20 1.19
C ILE A 77 35.18 14.94 0.33
N PRO A 78 36.37 14.33 0.18
CA PRO A 78 36.49 13.08 -0.58
C PRO A 78 35.63 11.98 0.02
N VAL A 79 35.00 11.19 -0.84
CA VAL A 79 34.15 10.08 -0.42
C VAL A 79 34.78 8.76 -0.82
N TYR A 80 34.88 7.84 0.14
CA TYR A 80 35.41 6.50 -0.09
C TYR A 80 34.32 5.47 0.14
N GLU A 81 34.36 4.37 -0.61
CA GLU A 81 33.45 3.26 -0.35
C GLU A 81 33.85 2.54 0.93
N LEU A 82 32.86 2.10 1.69
CA LEU A 82 33.11 1.37 2.92
C LEU A 82 33.99 0.14 2.68
N ASN A 83 33.84 -0.50 1.53
CA ASN A 83 34.61 -1.70 1.19
C ASN A 83 36.12 -1.47 1.17
N THR A 84 36.55 -0.22 1.04
CA THR A 84 37.97 0.09 1.03
C THR A 84 38.59 0.32 2.42
N VAL A 85 37.77 0.28 3.46
CA VAL A 85 38.31 0.45 4.82
C VAL A 85 37.99 -0.75 5.70
N SER A 86 38.87 -1.05 6.66
N SER A 86 38.82 -0.95 6.71
CA SER A 86 38.66 -2.22 7.51
CA SER A 86 38.50 -1.84 7.82
C SER A 86 38.05 -1.81 8.85
C SER A 86 38.60 -1.03 9.12
N GLU A 87 38.23 -0.54 9.20
N GLU A 87 39.33 0.08 9.06
CA GLU A 87 37.53 0.08 10.31
CA GLU A 87 39.57 0.91 10.24
C GLU A 87 37.56 1.60 10.14
C GLU A 87 38.86 2.28 10.15
N LEU A 88 36.63 2.27 10.81
N LEU A 88 37.79 2.41 10.93
CA LEU A 88 36.61 3.71 10.91
CA LEU A 88 36.96 3.61 10.92
C LEU A 88 36.65 3.99 12.41
C LEU A 88 36.67 3.99 12.37
N GLU A 89 37.27 5.08 12.85
CA GLU A 89 37.16 5.38 14.26
CA GLU A 89 37.17 5.44 14.25
C GLU A 89 35.77 5.91 14.62
N PHE A 90 35.26 6.85 13.84
CA PHE A 90 33.98 7.49 14.15
C PHE A 90 32.91 7.32 13.08
N TYR A 91 31.67 7.12 13.54
CA TYR A 91 30.48 7.27 12.71
C TYR A 91 29.56 8.26 13.44
N VAL A 92 29.12 9.30 12.74
CA VAL A 92 28.30 10.34 13.34
C VAL A 92 26.97 10.45 12.59
N ASP A 93 25.85 10.36 13.31
CA ASP A 93 24.53 10.33 12.66
C ASP A 93 23.47 10.76 13.66
N GLY A 94 22.34 11.20 13.13
CA GLY A 94 21.17 11.47 13.97
C GLY A 94 20.37 10.22 14.26
N ALA A 95 19.18 10.42 14.83
CA ALA A 95 18.27 9.33 15.13
C ALA A 95 16.87 9.88 15.30
N ASP A 96 15.88 9.01 15.29
CA ASP A 96 14.51 9.44 15.56
C ASP A 96 14.15 9.37 17.03
N GLU A 97 14.66 8.36 17.73
CA GLU A 97 14.54 8.26 19.17
C GLU A 97 15.80 7.63 19.75
N SER A 98 16.13 8.02 20.97
CA SER A 98 17.06 7.27 21.80
C SER A 98 16.42 7.04 23.16
N ASN A 99 16.69 5.91 23.79
CA ASN A 99 16.40 5.77 25.21
C ASN A 99 17.65 6.06 26.05
N GLU A 100 17.56 5.90 27.35
CA GLU A 100 18.68 6.23 28.24
C GLU A 100 19.85 5.25 28.11
N ARG A 101 19.61 4.10 27.47
CA ARG A 101 20.67 3.13 27.23
C ARG A 101 21.28 3.31 25.84
N LEU A 102 20.95 4.42 25.18
CA LEU A 102 21.50 4.76 23.87
C LEU A 102 21.10 3.77 22.77
N GLU A 103 20.02 3.05 23.01
CA GLU A 103 19.37 2.22 21.99
C GLU A 103 18.44 3.12 21.19
N LEU A 104 18.49 2.99 19.87
CA LEU A 104 17.86 3.98 18.98
C LEU A 104 16.77 3.39 18.10
N ILE A 105 15.83 4.24 17.72
CA ILE A 105 15.03 4.01 16.52
C ILE A 105 15.54 4.96 15.44
N LYS A 106 15.84 4.37 14.28
CA LYS A 106 16.35 5.10 13.12
C LYS A 106 15.59 4.66 11.87
N GLY A 107 15.67 5.47 10.83
CA GLY A 107 15.08 5.13 9.55
C GLY A 107 13.97 6.07 9.08
N GLY A 108 13.68 7.13 9.85
CA GLY A 108 12.76 8.14 9.37
C GLY A 108 13.19 8.65 8.02
N GLY A 109 14.50 8.84 7.86
CA GLY A 109 15.08 9.29 6.61
C GLY A 109 15.33 8.21 5.57
N ALA A 110 14.90 6.99 5.86
CA ALA A 110 14.89 5.85 4.90
C ALA A 110 16.26 5.25 4.59
N ALA A 111 17.28 5.68 5.32
CA ALA A 111 18.67 5.27 5.05
C ALA A 111 19.19 4.25 6.07
N LEU A 112 18.29 3.65 6.83
CA LEU A 112 18.68 2.80 7.95
C LEU A 112 19.65 1.68 7.61
N THR A 113 19.51 1.06 6.43
CA THR A 113 20.36 -0.08 6.12
C THR A 113 21.84 0.30 6.00
N ARG A 114 22.18 1.21 5.10
CA ARG A 114 23.58 1.60 4.96
C ARG A 114 24.10 2.32 6.22
N GLU A 115 23.23 3.07 6.91
CA GLU A 115 23.63 3.65 8.19
C GLU A 115 24.05 2.58 9.18
N LYS A 116 23.26 1.52 9.29
CA LYS A 116 23.51 0.47 10.26
C LYS A 116 24.81 -0.29 9.92
N ILE A 117 25.06 -0.44 8.62
CA ILE A 117 26.28 -1.12 8.15
C ILE A 117 27.53 -0.28 8.47
N VAL A 118 27.49 1.02 8.15
CA VAL A 118 28.64 1.87 8.46
C VAL A 118 28.86 1.93 9.97
N ALA A 119 27.77 2.04 10.74
CA ALA A 119 27.89 2.05 12.20
C ALA A 119 28.53 0.76 12.72
N ALA A 120 28.28 -0.36 12.06
CA ALA A 120 28.85 -1.63 12.49
C ALA A 120 30.37 -1.66 12.32
N VAL A 121 30.87 -0.98 11.30
CA VAL A 121 32.30 -0.94 11.03
C VAL A 121 33.02 0.06 11.94
N ALA A 122 32.35 1.15 12.28
CA ALA A 122 32.97 2.19 13.12
C ALA A 122 33.18 1.72 14.55
N LYS A 123 34.31 2.15 15.13
CA LYS A 123 34.58 1.84 16.53
C LYS A 123 33.61 2.59 17.44
N THR A 124 33.43 3.89 17.16
CA THR A 124 32.66 4.77 18.03
C THR A 124 31.55 5.45 17.26
N PHE A 125 30.32 5.12 17.63
CA PHE A 125 29.11 5.70 17.04
C PHE A 125 28.66 6.85 17.94
N ILE A 126 28.80 8.06 17.43
CA ILE A 126 28.28 9.25 18.12
C ILE A 126 26.93 9.60 17.50
N CYS A 127 25.89 9.55 18.33
CA CYS A 127 24.57 9.96 17.90
C CYS A 127 24.36 11.40 18.32
N ILE A 128 23.96 12.24 17.38
CA ILE A 128 23.69 13.64 17.63
C ILE A 128 22.19 13.92 17.45
N ALA A 129 21.56 14.53 18.45
CA ALA A 129 20.12 14.72 18.41
C ALA A 129 19.66 15.90 19.25
N ASP A 130 18.56 16.50 18.84
CA ASP A 130 17.92 17.51 19.68
C ASP A 130 17.16 16.82 20.82
N ALA A 131 16.92 17.58 21.88
CA ALA A 131 16.35 17.08 23.14
C ALA A 131 15.10 16.21 23.02
N SER A 132 14.23 16.55 22.09
CA SER A 132 12.93 15.89 21.98
C SER A 132 13.05 14.41 21.62
N LYS A 133 14.22 13.99 21.16
CA LYS A 133 14.41 12.62 20.70
CA LYS A 133 14.40 12.63 20.70
C LYS A 133 14.77 11.63 21.80
N LEU A 134 15.12 12.14 22.98
CA LEU A 134 15.36 11.27 24.14
C LEU A 134 14.02 10.90 24.81
N VAL A 135 13.69 9.61 24.80
CA VAL A 135 12.40 9.14 25.29
C VAL A 135 12.58 8.05 26.37
N PRO A 136 11.58 7.92 27.27
CA PRO A 136 11.66 6.88 28.30
C PRO A 136 11.65 5.47 27.71
N ILE A 137 10.75 5.23 26.76
CA ILE A 137 10.63 3.92 26.12
C ILE A 137 10.47 4.13 24.63
N LEU A 138 11.27 3.42 23.84
CA LEU A 138 11.18 3.52 22.39
C LEU A 138 9.83 3.07 21.86
N GLY A 139 9.36 3.72 20.80
CA GLY A 139 8.22 3.20 20.08
C GLY A 139 7.13 4.17 19.65
N GLN A 140 7.05 5.35 20.28
CA GLN A 140 6.06 6.34 19.84
CA GLN A 140 6.06 6.33 19.85
C GLN A 140 6.33 6.75 18.41
N PHE A 141 7.60 6.97 18.08
CA PHE A 141 8.00 7.15 16.68
C PHE A 141 7.91 5.77 16.03
N PRO A 142 7.13 5.64 14.93
CA PRO A 142 6.94 4.30 14.35
C PRO A 142 8.28 3.70 13.89
N LEU A 143 8.47 2.41 14.16
CA LEU A 143 9.72 1.74 13.86
C LEU A 143 9.85 1.39 12.37
N PRO A 144 10.86 1.96 11.66
CA PRO A 144 11.02 1.59 10.26
C PRO A 144 11.64 0.20 10.09
N VAL A 145 11.11 -0.56 9.14
CA VAL A 145 11.65 -1.87 8.78
C VAL A 145 11.79 -1.91 7.25
N GLU A 146 13.02 -2.16 6.77
CA GLU A 146 13.25 -2.23 5.33
C GLU A 146 12.99 -3.66 4.85
N VAL A 147 12.21 -3.78 3.78
CA VAL A 147 11.62 -5.06 3.39
C VAL A 147 11.75 -5.28 1.89
N ILE A 148 12.09 -6.50 1.49
CA ILE A 148 12.08 -6.89 0.07
C ILE A 148 10.67 -6.64 -0.47
N PRO A 149 10.53 -5.91 -1.60
CA PRO A 149 9.16 -5.52 -1.99
C PRO A 149 8.16 -6.68 -2.14
N MET A 150 8.57 -7.81 -2.70
CA MET A 150 7.64 -8.92 -2.88
C MET A 150 7.28 -9.64 -1.56
N ALA A 151 7.91 -9.23 -0.46
CA ALA A 151 7.67 -9.80 0.86
C ALA A 151 6.73 -8.95 1.71
N ARG A 152 6.24 -7.84 1.15
CA ARG A 152 5.45 -6.87 1.92
C ARG A 152 4.36 -7.49 2.80
N SER A 153 3.44 -8.24 2.21
CA SER A 153 2.32 -8.77 2.98
C SER A 153 2.77 -9.80 4.02
N HIS A 154 3.74 -10.63 3.66
CA HIS A 154 4.29 -11.60 4.60
C HIS A 154 4.91 -10.93 5.83
N VAL A 155 5.81 -9.98 5.59
CA VAL A 155 6.49 -9.33 6.70
C VAL A 155 5.48 -8.55 7.56
N ALA A 156 4.51 -7.90 6.93
CA ALA A 156 3.48 -7.19 7.67
C ALA A 156 2.75 -8.14 8.62
N ARG A 157 2.38 -9.33 8.13
CA ARG A 157 1.71 -10.30 9.00
C ARG A 157 2.58 -10.68 10.20
N GLN A 158 3.87 -10.84 9.97
CA GLN A 158 4.77 -11.26 11.06
C GLN A 158 4.99 -10.14 12.07
N LEU A 159 4.94 -8.89 11.61
CA LEU A 159 5.06 -7.72 12.49
C LEU A 159 3.80 -7.53 13.35
N VAL A 160 2.64 -7.83 12.77
CA VAL A 160 1.40 -7.83 13.53
C VAL A 160 1.47 -8.83 14.69
N LYS A 161 2.07 -9.99 14.45
CA LYS A 161 2.25 -10.99 15.50
C LYS A 161 3.08 -10.46 16.69
N LEU A 162 3.93 -9.48 16.44
CA LEU A 162 4.76 -8.88 17.47
C LEU A 162 4.08 -7.70 18.15
N GLY A 163 2.83 -7.43 17.79
CA GLY A 163 2.07 -6.37 18.42
C GLY A 163 2.11 -5.03 17.71
N GLY A 164 2.67 -5.02 16.49
CA GLY A 164 2.76 -3.77 15.73
C GLY A 164 1.67 -3.59 14.69
N ASP A 165 1.53 -2.34 14.23
CA ASP A 165 0.66 -2.00 13.11
C ASP A 165 1.55 -1.47 11.98
N PRO A 166 1.94 -2.36 11.06
CA PRO A 166 2.85 -1.98 9.98
C PRO A 166 2.10 -1.24 8.87
N VAL A 167 2.67 -0.13 8.44
CA VAL A 167 2.11 0.66 7.35
C VAL A 167 3.18 0.89 6.28
N TYR A 168 2.91 0.42 5.07
CA TYR A 168 3.82 0.65 3.94
C TYR A 168 3.98 2.15 3.69
N ARG A 169 5.22 2.59 3.56
CA ARG A 169 5.52 4.01 3.35
C ARG A 169 5.38 4.35 1.86
N GLU A 170 4.29 5.04 1.53
CA GLU A 170 3.92 5.31 0.15
CA GLU A 170 3.92 5.31 0.15
C GLU A 170 5.02 6.01 -0.64
N GLY A 171 5.29 5.48 -1.84
CA GLY A 171 6.16 6.13 -2.81
C GLY A 171 7.63 6.13 -2.50
N VAL A 172 8.04 5.35 -1.51
CA VAL A 172 9.44 5.35 -1.10
C VAL A 172 10.15 4.05 -1.49
N LEU A 173 11.30 4.18 -2.16
CA LEU A 173 12.24 3.07 -2.31
C LEU A 173 13.56 3.56 -1.77
N THR A 174 14.21 2.72 -0.98
CA THR A 174 15.50 3.07 -0.40
C THR A 174 16.59 3.03 -1.46
N ASP A 175 17.79 3.46 -1.11
CA ASP A 175 18.95 3.34 -2.00
C ASP A 175 19.15 1.90 -2.46
N ASN A 176 18.66 0.93 -1.69
CA ASN A 176 18.84 -0.49 -2.00
C ASN A 176 17.67 -1.10 -2.77
N GLY A 177 16.70 -0.29 -3.15
CA GLY A 177 15.59 -0.78 -3.96
C GLY A 177 14.47 -1.45 -3.18
N ASN A 178 14.44 -1.20 -1.87
CA ASN A 178 13.45 -1.84 -0.99
C ASN A 178 12.39 -0.87 -0.48
N ILE A 179 11.29 -1.42 0.01
CA ILE A 179 10.26 -0.63 0.64
C ILE A 179 10.51 -0.53 2.15
N ILE A 180 9.76 0.36 2.79
CA ILE A 180 9.77 0.47 4.24
CA ILE A 180 9.76 0.50 4.24
C ILE A 180 8.37 0.24 4.78
N LEU A 181 8.28 -0.58 5.82
CA LEU A 181 7.07 -0.68 6.64
C LEU A 181 7.37 0.09 7.94
N ASP A 182 6.56 1.09 8.25
CA ASP A 182 6.68 1.83 9.50
C ASP A 182 5.73 1.19 10.51
N VAL A 183 6.29 0.72 11.62
CA VAL A 183 5.51 -0.08 12.56
C VAL A 183 5.06 0.74 13.76
N HIS A 184 3.74 0.95 13.83
CA HIS A 184 3.14 1.77 14.88
C HIS A 184 2.76 0.93 16.09
N ASN A 185 2.64 1.60 17.24
CA ASN A 185 2.00 1.07 18.45
C ASN A 185 2.85 0.14 19.31
N LEU A 186 4.14 0.04 19.01
CA LEU A 186 5.01 -0.77 19.84
C LEU A 186 5.43 -0.02 21.10
N ARG A 187 5.51 -0.75 22.20
CA ARG A 187 6.12 -0.26 23.43
C ARG A 187 7.35 -1.13 23.63
N ILE A 188 8.51 -0.63 23.23
CA ILE A 188 9.67 -1.49 23.08
C ILE A 188 10.51 -1.53 24.36
N ASP A 189 10.07 -2.37 25.30
CA ASP A 189 10.72 -2.48 26.60
C ASP A 189 12.08 -3.17 26.54
N SER A 190 12.26 -4.03 25.55
CA SER A 190 13.52 -4.77 25.38
C SER A 190 14.02 -4.65 23.94
N PRO A 191 14.61 -3.51 23.59
CA PRO A 191 15.02 -3.26 22.20
C PRO A 191 15.97 -4.29 21.61
N VAL A 192 16.92 -4.82 22.39
CA VAL A 192 17.83 -5.83 21.85
C VAL A 192 17.06 -7.10 21.46
N GLU A 193 16.13 -7.51 22.30
CA GLU A 193 15.33 -8.70 22.02
C GLU A 193 14.41 -8.50 20.81
N LEU A 194 13.75 -7.36 20.73
CA LEU A 194 12.86 -7.10 19.59
C LEU A 194 13.65 -7.00 18.29
N GLU A 195 14.83 -6.39 18.32
CA GLU A 195 15.67 -6.27 17.14
C GLU A 195 15.98 -7.66 16.57
N GLU A 196 16.33 -8.58 17.46
CA GLU A 196 16.62 -9.96 17.08
C GLU A 196 15.37 -10.67 16.54
N LYS A 197 14.23 -10.47 17.19
CA LYS A 197 12.98 -11.07 16.73
CA LYS A 197 12.98 -11.07 16.73
C LYS A 197 12.60 -10.62 15.32
N ILE A 198 12.79 -9.33 15.04
CA ILE A 198 12.44 -8.81 13.73
C ILE A 198 13.42 -9.35 12.67
N ASN A 199 14.69 -9.48 13.04
CA ASN A 199 15.69 -10.05 12.12
C ASN A 199 15.43 -11.52 11.79
N ALA A 200 14.60 -12.18 12.60
CA ALA A 200 14.21 -13.57 12.34
C ALA A 200 13.12 -13.67 11.27
N ILE A 201 12.54 -12.54 10.86
CA ILE A 201 11.50 -12.57 9.84
C ILE A 201 12.14 -12.56 8.46
N VAL A 202 11.91 -13.61 7.69
CA VAL A 202 12.45 -13.69 6.33
C VAL A 202 11.75 -12.64 5.45
N GLY A 203 12.54 -11.86 4.72
CA GLY A 203 12.02 -10.74 3.95
C GLY A 203 12.44 -9.40 4.54
N VAL A 204 12.83 -9.39 5.81
CA VAL A 204 13.42 -8.20 6.42
C VAL A 204 14.87 -8.03 5.98
N VAL A 205 15.20 -6.83 5.52
CA VAL A 205 16.55 -6.50 5.12
C VAL A 205 17.31 -5.97 6.35
N THR A 206 16.76 -4.91 6.94
CA THR A 206 17.22 -4.43 8.25
CA THR A 206 17.25 -4.35 8.17
C THR A 206 16.04 -3.78 8.94
N ASN A 207 16.12 -3.73 10.27
CA ASN A 207 15.15 -2.95 11.04
C ASN A 207 15.83 -1.77 11.74
N GLY A 208 15.03 -0.77 12.09
CA GLY A 208 15.56 0.48 12.59
C GLY A 208 15.97 0.51 14.05
N LEU A 209 15.93 -0.63 14.74
CA LEU A 209 16.46 -0.66 16.10
C LEU A 209 17.98 -0.78 16.07
N PHE A 210 18.68 0.23 16.57
CA PHE A 210 20.13 0.14 16.75
C PHE A 210 20.32 -0.12 18.25
N ALA A 211 20.30 -1.39 18.62
CA ALA A 211 20.24 -1.76 20.04
C ALA A 211 21.35 -2.76 20.39
N ALA A 212 21.47 -3.85 19.62
CA ALA A 212 22.57 -4.77 19.82
C ALA A 212 23.91 -4.04 19.63
N ARG A 213 23.95 -3.12 18.67
CA ARG A 213 25.05 -2.17 18.50
C ARG A 213 24.42 -0.79 18.67
N PRO A 214 24.38 -0.30 19.92
CA PRO A 214 23.76 1.00 20.23
C PRO A 214 24.74 2.13 19.94
N ALA A 215 24.31 3.37 20.17
CA ALA A 215 25.26 4.46 20.14
C ALA A 215 26.25 4.30 21.28
N ASP A 216 27.46 4.83 21.10
CA ASP A 216 28.46 4.86 22.16
C ASP A 216 28.44 6.16 22.93
N LEU A 217 28.03 7.24 22.26
CA LEU A 217 27.99 8.56 22.86
C LEU A 217 26.75 9.25 22.29
N LEU A 218 26.01 9.94 23.15
CA LEU A 218 24.84 10.69 22.71
C LEU A 218 25.04 12.15 23.07
N LEU A 219 25.08 13.01 22.06
CA LEU A 219 25.16 14.45 22.27
C LEU A 219 23.77 15.01 22.03
N LEU A 220 23.19 15.60 23.08
CA LEU A 220 21.81 16.05 23.06
CA LEU A 220 21.81 16.03 23.06
C LEU A 220 21.72 17.56 23.16
N GLY A 221 21.07 18.18 22.17
CA GLY A 221 20.96 19.62 22.12
C GLY A 221 19.76 20.13 22.87
N THR A 222 19.99 20.95 23.89
CA THR A 222 18.90 21.47 24.70
C THR A 222 18.99 22.98 24.77
N ALA A 223 17.94 23.60 25.30
CA ALA A 223 17.87 25.04 25.48
C ALA A 223 18.97 25.56 26.41
N ASP A 224 19.48 24.68 27.25
CA ASP A 224 20.52 25.08 28.20
C ASP A 224 21.83 24.36 27.93
N GLY A 225 22.12 24.10 26.65
CA GLY A 225 23.40 23.56 26.27
C GLY A 225 23.37 22.11 25.82
N VAL A 226 24.51 21.64 25.33
CA VAL A 226 24.64 20.28 24.85
C VAL A 226 24.92 19.35 26.03
N LYS A 227 24.17 18.25 26.09
CA LYS A 227 24.40 17.25 27.12
C LYS A 227 25.17 16.08 26.53
N THR A 228 26.12 15.54 27.29
CA THR A 228 26.92 14.42 26.83
C THR A 228 26.52 13.19 27.63
N LEU A 229 25.87 12.25 26.97
CA LEU A 229 25.28 11.11 27.65
CA LEU A 229 25.25 11.10 27.63
C LEU A 229 25.88 9.77 27.21
N LYS A 230 25.96 8.84 28.16
CA LYS A 230 26.46 7.50 27.90
C LYS A 230 25.52 6.49 28.51
N ALA A 231 25.52 5.29 27.95
CA ALA A 231 24.65 4.22 28.41
C ALA A 231 25.01 3.75 29.81
N HIS B 3 -30.57 22.81 46.28
CA HIS B 3 -30.23 23.44 45.01
C HIS B 3 -30.24 22.43 43.88
N HIS B 4 -30.81 22.82 42.75
CA HIS B 4 -30.82 21.98 41.56
C HIS B 4 -30.78 22.86 40.32
N HIS B 5 -29.97 22.48 39.35
CA HIS B 5 -29.85 23.27 38.12
C HIS B 5 -31.12 23.17 37.30
N HIS B 6 -31.64 24.31 36.86
CA HIS B 6 -32.92 24.33 36.13
C HIS B 6 -33.03 25.35 34.98
N HIS B 7 -31.95 26.04 34.64
CA HIS B 7 -32.02 27.00 33.55
C HIS B 7 -31.84 26.35 32.18
N HIS B 8 -32.74 26.66 31.27
CA HIS B 8 -32.69 26.12 29.91
C HIS B 8 -31.55 26.75 29.11
N MET B 9 -30.71 25.90 28.52
CA MET B 9 -29.65 26.36 27.63
C MET B 9 -30.13 26.33 26.20
N ASN B 10 -29.86 27.39 25.45
CA ASN B 10 -30.19 27.39 24.03
C ASN B 10 -29.26 26.45 23.25
N GLN B 11 -29.57 26.23 21.99
CA GLN B 11 -28.81 25.27 21.20
C GLN B 11 -27.36 25.69 21.01
N ASP B 12 -27.12 26.99 20.86
CA ASP B 12 -25.75 27.50 20.73
C ASP B 12 -24.93 27.28 22.00
N GLN B 13 -25.55 27.49 23.17
CA GLN B 13 -24.85 27.29 24.44
C GLN B 13 -24.44 25.83 24.59
N LEU B 14 -25.31 24.91 24.18
CA LEU B 14 -25.01 23.49 24.23
C LEU B 14 -23.90 23.11 23.25
N LYS B 15 -23.92 23.73 22.08
CA LYS B 15 -22.87 23.51 21.08
C LYS B 15 -21.52 24.02 21.58
N GLN B 16 -21.51 25.19 22.21
CA GLN B 16 -20.29 25.73 22.79
C GLN B 16 -19.75 24.81 23.89
N ALA B 17 -20.67 24.25 24.68
CA ALA B 17 -20.31 23.32 25.74
C ALA B 17 -19.57 22.09 25.22
N VAL B 18 -20.13 21.44 24.21
CA VAL B 18 -19.49 20.24 23.68
C VAL B 18 -18.20 20.56 22.94
N ALA B 19 -18.15 21.73 22.30
CA ALA B 19 -16.93 22.19 21.64
C ALA B 19 -15.77 22.29 22.64
N GLN B 20 -16.03 22.95 23.77
CA GLN B 20 -14.99 23.06 24.79
C GLN B 20 -14.68 21.72 25.45
N ALA B 21 -15.70 20.88 25.64
CA ALA B 21 -15.48 19.53 26.17
C ALA B 21 -14.55 18.70 25.28
N ALA B 22 -14.68 18.88 23.97
CA ALA B 22 -13.81 18.16 23.03
C ALA B 22 -12.36 18.64 23.18
N VAL B 23 -12.19 19.95 23.29
CA VAL B 23 -10.87 20.52 23.55
C VAL B 23 -10.28 19.98 24.84
N ASP B 24 -11.09 19.97 25.91
CA ASP B 24 -10.67 19.43 27.20
C ASP B 24 -10.20 17.98 27.06
N HIS B 25 -10.90 17.20 26.26
CA HIS B 25 -10.58 15.79 26.07
C HIS B 25 -9.26 15.59 25.34
N ILE B 26 -9.07 16.30 24.22
CA ILE B 26 -7.93 16.05 23.37
C ILE B 26 -6.63 16.72 23.84
N LEU B 27 -6.76 17.84 24.54
CA LEU B 27 -5.60 18.66 24.93
C LEU B 27 -4.43 17.88 25.54
N PRO B 28 -4.70 17.03 26.56
CA PRO B 28 -3.54 16.34 27.17
C PRO B 28 -2.91 15.28 26.25
N HIS B 29 -3.55 14.99 25.12
CA HIS B 29 -3.00 14.04 24.16
C HIS B 29 -2.22 14.73 23.04
N LEU B 30 -2.25 16.06 23.03
CA LEU B 30 -1.60 16.82 21.96
C LEU B 30 -0.17 17.20 22.29
N ASP B 31 0.69 17.20 21.26
CA ASP B 31 2.02 17.78 21.38
C ASP B 31 2.32 18.63 20.15
N SER B 32 3.53 19.14 20.06
CA SER B 32 3.93 20.05 18.99
C SER B 32 3.85 19.42 17.59
N LYS B 33 3.71 18.09 17.53
CA LYS B 33 3.61 17.40 16.25
C LYS B 33 2.17 17.05 15.87
N SER B 34 1.24 17.29 16.79
CA SER B 34 -0.16 16.88 16.58
C SER B 34 -0.85 17.64 15.45
N ILE B 35 -1.56 16.89 14.61
CA ILE B 35 -2.43 17.48 13.59
C ILE B 35 -3.87 17.01 13.89
N VAL B 36 -4.80 17.97 13.99
CA VAL B 36 -6.18 17.68 14.38
C VAL B 36 -7.12 17.74 13.19
N GLY B 37 -7.93 16.71 12.98
CA GLY B 37 -8.94 16.73 11.92
C GLY B 37 -10.17 17.51 12.37
N VAL B 38 -10.66 18.39 11.50
CA VAL B 38 -11.72 19.31 11.91
C VAL B 38 -12.94 19.25 10.99
N GLY B 39 -14.11 19.12 11.62
CA GLY B 39 -15.38 19.07 10.93
C GLY B 39 -15.84 20.37 10.29
N THR B 40 -17.10 20.39 9.85
CA THR B 40 -17.68 21.53 9.16
C THR B 40 -19.06 21.81 9.76
N GLY B 41 -19.42 23.09 9.84
CA GLY B 41 -20.76 23.45 10.26
C GLY B 41 -20.79 24.17 11.60
N SER B 42 -21.99 24.39 12.11
CA SER B 42 -22.18 25.27 13.26
C SER B 42 -21.46 24.76 14.51
N THR B 43 -21.56 23.47 14.79
CA THR B 43 -20.94 22.94 15.99
C THR B 43 -19.42 22.90 15.85
N ALA B 44 -18.95 22.46 14.68
CA ALA B 44 -17.52 22.44 14.39
C ALA B 44 -16.91 23.84 14.48
N ASN B 45 -17.67 24.86 14.09
CA ASN B 45 -17.17 26.22 14.16
C ASN B 45 -16.92 26.70 15.59
N PHE B 46 -17.77 26.30 16.52
CA PHE B 46 -17.51 26.58 17.93
C PHE B 46 -16.25 25.85 18.39
N PHE B 47 -16.05 24.64 17.87
CA PHE B 47 -14.84 23.89 18.17
C PHE B 47 -13.58 24.61 17.66
N ILE B 48 -13.64 25.13 16.44
CA ILE B 48 -12.52 25.89 15.88
C ILE B 48 -12.13 27.05 16.79
N ASP B 49 -13.13 27.82 17.23
CA ASP B 49 -12.89 28.97 18.10
C ASP B 49 -12.21 28.52 19.41
N ALA B 50 -12.69 27.42 19.97
CA ALA B 50 -12.13 26.93 21.23
C ALA B 50 -10.73 26.35 21.06
N LEU B 51 -10.52 25.64 19.95
CA LEU B 51 -9.23 25.03 19.65
C LEU B 51 -8.17 26.12 19.43
N ALA B 52 -8.59 27.23 18.83
CA ALA B 52 -7.68 28.32 18.49
C ALA B 52 -7.02 28.94 19.71
N ARG B 53 -7.64 28.78 20.88
CA ARG B 53 -7.07 29.28 22.13
C ARG B 53 -5.82 28.49 22.54
N HIS B 54 -5.62 27.34 21.91
CA HIS B 54 -4.54 26.44 22.28
C HIS B 54 -3.66 26.15 21.10
N LYS B 55 -3.67 27.06 20.12
CA LYS B 55 -3.01 26.77 18.85
C LYS B 55 -1.49 26.66 19.02
N ALA B 56 -0.98 27.18 20.13
CA ALA B 56 0.44 27.02 20.46
C ALA B 56 0.80 25.61 20.93
N GLU B 57 -0.20 24.78 21.19
CA GLU B 57 0.02 23.46 21.78
C GLU B 57 -0.03 22.29 20.78
N PHE B 58 -0.28 22.59 19.52
CA PHE B 58 -0.27 21.58 18.47
C PHE B 58 0.27 22.19 17.19
N ASP B 59 0.48 21.35 16.18
CA ASP B 59 1.04 21.82 14.92
C ASP B 59 -0.03 22.51 14.08
N GLY B 60 -0.96 21.73 13.55
CA GLY B 60 -2.01 22.30 12.72
C GLY B 60 -3.20 21.39 12.57
N ALA B 61 -3.95 21.59 11.50
CA ALA B 61 -5.23 20.93 11.31
C ALA B 61 -5.42 20.48 9.88
N VAL B 62 -6.26 19.46 9.70
CA VAL B 62 -6.77 19.07 8.38
C VAL B 62 -8.25 19.49 8.32
N ALA B 63 -8.62 20.17 7.25
CA ALA B 63 -9.98 20.68 7.09
C ALA B 63 -10.87 19.69 6.34
N SER B 64 -12.14 19.64 6.69
CA SER B 64 -13.12 18.81 5.97
C SER B 64 -13.96 19.62 4.98
N SER B 65 -13.62 20.89 4.81
CA SER B 65 -14.27 21.71 3.79
C SER B 65 -13.44 22.96 3.53
N GLU B 66 -13.70 23.60 2.40
CA GLU B 66 -13.10 24.90 2.11
C GLU B 66 -13.50 25.92 3.17
N ALA B 67 -14.75 25.87 3.60
CA ALA B 67 -15.25 26.79 4.63
C ALA B 67 -14.47 26.64 5.92
N THR B 68 -14.24 25.40 6.32
CA THR B 68 -13.46 25.11 7.52
C THR B 68 -11.99 25.52 7.36
N ALA B 69 -11.40 25.26 6.20
CA ALA B 69 -10.03 25.69 5.94
C ALA B 69 -9.88 27.20 6.13
N LYS B 70 -10.86 27.96 5.63
CA LYS B 70 -10.84 29.41 5.73
CA LYS B 70 -10.85 29.41 5.72
C LYS B 70 -10.91 29.87 7.18
N ARG B 71 -11.80 29.27 7.96
CA ARG B 71 -11.95 29.62 9.36
CA ARG B 71 -11.94 29.62 9.36
C ARG B 71 -10.69 29.28 10.16
N LEU B 72 -10.08 28.13 9.87
CA LEU B 72 -8.84 27.76 10.54
C LEU B 72 -7.73 28.77 10.22
N LYS B 73 -7.58 29.08 8.94
CA LYS B 73 -6.56 30.02 8.48
C LYS B 73 -6.71 31.39 9.12
N GLU B 74 -7.95 31.88 9.21
CA GLU B 74 -8.26 33.18 9.80
CA GLU B 74 -8.17 33.20 9.78
C GLU B 74 -7.90 33.24 11.28
N HIS B 75 -7.87 32.07 11.92
CA HIS B 75 -7.48 31.97 13.33
C HIS B 75 -5.98 31.72 13.50
N GLY B 76 -5.25 31.65 12.40
CA GLY B 76 -3.82 31.41 12.46
C GLY B 76 -3.43 29.98 12.79
N ILE B 77 -4.33 29.04 12.53
CA ILE B 77 -4.01 27.63 12.66
C ILE B 77 -3.58 27.09 11.29
N PRO B 78 -2.36 26.55 11.20
CA PRO B 78 -1.90 26.00 9.92
C PRO B 78 -2.83 24.90 9.42
N VAL B 79 -3.11 24.91 8.12
CA VAL B 79 -3.96 23.90 7.50
C VAL B 79 -3.11 23.05 6.57
N TYR B 80 -3.14 21.73 6.79
CA TYR B 80 -2.39 20.79 5.96
C TYR B 80 -3.35 19.91 5.17
N GLU B 81 -2.91 19.44 4.01
CA GLU B 81 -3.73 18.49 3.24
C GLU B 81 -3.66 17.10 3.86
N LEU B 82 -4.80 16.42 3.87
CA LEU B 82 -4.87 15.05 4.40
C LEU B 82 -3.82 14.14 3.76
N ASN B 83 -3.55 14.37 2.48
CA ASN B 83 -2.59 13.53 1.74
C ASN B 83 -1.18 13.51 2.34
N THR B 84 -0.85 14.52 3.14
CA THR B 84 0.49 14.61 3.72
C THR B 84 0.68 13.76 4.99
N VAL B 85 -0.40 13.16 5.49
CA VAL B 85 -0.29 12.30 6.68
C VAL B 85 -0.72 10.87 6.36
N SER B 86 -0.29 9.92 7.20
CA SER B 86 -0.71 8.54 7.06
C SER B 86 -1.76 8.18 8.11
N GLU B 87 -1.93 9.07 9.09
CA GLU B 87 -2.93 8.92 10.13
C GLU B 87 -3.09 10.25 10.89
N LEU B 88 -4.25 10.42 11.53
CA LEU B 88 -4.52 11.55 12.42
C LEU B 88 -5.00 10.94 13.71
N GLU B 89 -4.63 11.48 14.87
CA GLU B 89 -5.16 10.91 16.09
C GLU B 89 -6.66 11.23 16.24
N PHE B 90 -7.02 12.50 16.13
CA PHE B 90 -8.41 12.93 16.36
C PHE B 90 -9.06 13.56 15.13
N TYR B 91 -10.34 13.27 14.97
CA TYR B 91 -11.23 14.03 14.07
C TYR B 91 -12.42 14.44 14.92
N VAL B 92 -12.76 15.73 14.92
CA VAL B 92 -13.84 16.24 15.75
C VAL B 92 -14.87 16.93 14.85
N ASP B 93 -16.13 16.52 14.94
CA ASP B 93 -17.17 17.02 14.04
C ASP B 93 -18.54 16.84 14.68
N GLY B 94 -19.52 17.60 14.20
CA GLY B 94 -20.90 17.40 14.59
C GLY B 94 -21.61 16.33 13.78
N ALA B 95 -22.93 16.25 13.95
CA ALA B 95 -23.74 15.31 13.18
C ALA B 95 -25.19 15.79 13.22
N ASP B 96 -26.03 15.23 12.36
CA ASP B 96 -27.44 15.54 12.37
C ASP B 96 -28.26 14.59 13.26
N GLU B 97 -27.84 13.33 13.30
CA GLU B 97 -28.39 12.34 14.23
C GLU B 97 -27.30 11.38 14.66
N SER B 98 -27.43 10.88 15.89
CA SER B 98 -26.70 9.70 16.33
C SER B 98 -27.68 8.76 16.98
N ASN B 99 -27.47 7.45 16.82
CA ASN B 99 -28.18 6.51 17.66
C ASN B 99 -27.28 6.10 18.83
N GLU B 100 -27.74 5.18 19.68
CA GLU B 100 -26.98 4.82 20.86
C GLU B 100 -25.76 3.96 20.54
N ARG B 101 -25.67 3.49 19.31
CA ARG B 101 -24.51 2.75 18.84
C ARG B 101 -23.49 3.67 18.15
N LEU B 102 -23.73 4.97 18.25
CA LEU B 102 -22.81 5.99 17.71
C LEU B 102 -22.74 5.96 16.18
N GLU B 103 -23.77 5.35 15.57
CA GLU B 103 -23.96 5.42 14.12
C GLU B 103 -24.68 6.72 13.80
N LEU B 104 -24.21 7.42 12.77
CA LEU B 104 -24.64 8.80 12.54
C LEU B 104 -25.31 9.00 11.20
N ILE B 105 -26.19 10.01 11.15
CA ILE B 105 -26.53 10.67 9.89
C ILE B 105 -25.83 12.01 9.85
N LYS B 106 -25.09 12.22 8.76
CA LYS B 106 -24.37 13.46 8.52
C LYS B 106 -24.65 13.97 7.11
N GLY B 107 -24.35 15.24 6.88
CA GLY B 107 -24.46 15.84 5.57
C GLY B 107 -25.45 16.99 5.46
N GLY B 108 -26.09 17.37 6.55
CA GLY B 108 -26.96 18.54 6.54
C GLY B 108 -26.18 19.75 6.04
N GLY B 109 -24.92 19.87 6.47
CA GLY B 109 -24.05 20.95 6.06
C GLY B 109 -23.33 20.73 4.73
N ALA B 110 -23.69 19.66 4.01
CA ALA B 110 -23.26 19.38 2.63
C ALA B 110 -21.79 18.95 2.47
N ALA B 111 -21.10 18.71 3.59
CA ALA B 111 -19.67 18.41 3.58
C ALA B 111 -19.38 16.93 3.86
N LEU B 112 -20.40 16.09 3.74
CA LEU B 112 -20.28 14.68 4.14
C LEU B 112 -19.11 13.92 3.51
N THR B 113 -18.78 14.19 2.24
CA THR B 113 -17.74 13.40 1.59
C THR B 113 -16.36 13.61 2.21
N ARG B 114 -15.89 14.85 2.27
CA ARG B 114 -14.57 15.10 2.85
C ARG B 114 -14.57 14.82 4.35
N GLU B 115 -15.70 15.06 5.03
CA GLU B 115 -15.82 14.68 6.43
C GLU B 115 -15.61 13.18 6.62
N LYS B 116 -16.23 12.37 5.76
CA LYS B 116 -16.14 10.92 5.89
C LYS B 116 -14.73 10.43 5.61
N ILE B 117 -14.07 11.08 4.66
CA ILE B 117 -12.70 10.74 4.30
C ILE B 117 -11.73 11.06 5.46
N VAL B 118 -11.83 12.26 6.02
CA VAL B 118 -10.98 12.59 7.16
C VAL B 118 -11.27 11.67 8.34
N ALA B 119 -12.55 11.39 8.60
CA ALA B 119 -12.91 10.47 9.68
C ALA B 119 -12.31 9.07 9.46
N ALA B 120 -12.22 8.65 8.19
CA ALA B 120 -11.67 7.34 7.89
C ALA B 120 -10.19 7.24 8.27
N VAL B 121 -9.48 8.35 8.15
CA VAL B 121 -8.04 8.38 8.45
C VAL B 121 -7.77 8.54 9.95
N ALA B 122 -8.64 9.26 10.64
CA ALA B 122 -8.46 9.51 12.05
C ALA B 122 -8.61 8.24 12.89
N LYS B 123 -7.76 8.11 13.91
CA LYS B 123 -7.86 6.99 14.82
C LYS B 123 -9.10 7.10 15.69
N THR B 124 -9.36 8.31 16.20
CA THR B 124 -10.46 8.54 17.11
C THR B 124 -11.37 9.65 16.61
N PHE B 125 -12.61 9.28 16.28
CA PHE B 125 -13.62 10.21 15.80
C PHE B 125 -14.50 10.59 16.98
N ILE B 126 -14.38 11.85 17.40
CA ILE B 126 -15.20 12.41 18.46
C ILE B 126 -16.34 13.18 17.81
N CYS B 127 -17.57 12.75 18.05
CA CYS B 127 -18.73 13.49 17.60
C CYS B 127 -19.22 14.39 18.73
N ILE B 128 -19.40 15.66 18.40
CA ILE B 128 -19.90 16.64 19.37
C ILE B 128 -21.30 17.11 18.95
N ALA B 129 -22.26 17.05 19.86
CA ALA B 129 -23.64 17.31 19.49
C ALA B 129 -24.47 17.75 20.68
N ASP B 130 -25.46 18.59 20.43
CA ASP B 130 -26.43 18.92 21.45
C ASP B 130 -27.39 17.74 21.59
N ALA B 131 -28.06 17.68 22.75
CA ALA B 131 -28.85 16.52 23.14
C ALA B 131 -29.92 16.08 22.15
N SER B 132 -30.47 17.04 21.41
CA SER B 132 -31.58 16.76 20.50
C SER B 132 -31.20 15.85 19.34
N LYS B 133 -29.89 15.63 19.15
CA LYS B 133 -29.38 14.85 18.03
CA LYS B 133 -29.46 14.85 18.01
C LYS B 133 -29.39 13.34 18.28
N LEU B 134 -29.54 12.96 19.55
CA LEU B 134 -29.58 11.54 19.91
C LEU B 134 -30.99 10.97 19.71
N VAL B 135 -31.12 9.98 18.84
CA VAL B 135 -32.42 9.40 18.50
C VAL B 135 -32.41 7.88 18.67
N PRO B 136 -33.59 7.28 18.91
CA PRO B 136 -33.65 5.81 19.03
C PRO B 136 -33.33 5.09 17.73
N ILE B 137 -33.88 5.58 16.62
CA ILE B 137 -33.65 4.99 15.31
C ILE B 137 -33.35 6.11 14.32
N LEU B 138 -32.29 5.94 13.54
CA LEU B 138 -31.91 6.93 12.54
C LEU B 138 -32.97 7.06 11.46
N GLY B 139 -33.16 8.27 10.94
CA GLY B 139 -33.92 8.43 9.72
C GLY B 139 -34.95 9.53 9.66
N GLN B 140 -35.37 10.06 10.81
CA GLN B 140 -36.32 11.17 10.80
CA GLN B 140 -36.31 11.18 10.81
C GLN B 140 -35.70 12.38 10.08
N PHE B 141 -34.42 12.63 10.36
CA PHE B 141 -33.67 13.63 9.60
C PHE B 141 -33.34 13.00 8.26
N PRO B 142 -33.74 13.63 7.14
CA PRO B 142 -33.50 12.98 5.85
C PRO B 142 -32.02 12.69 5.59
N LEU B 143 -31.75 11.51 5.02
CA LEU B 143 -30.38 11.05 4.81
C LEU B 143 -29.75 11.70 3.58
N PRO B 144 -28.68 12.49 3.75
CA PRO B 144 -28.03 13.07 2.58
C PRO B 144 -27.21 12.03 1.81
N VAL B 145 -27.28 12.11 0.48
CA VAL B 145 -26.50 11.26 -0.40
C VAL B 145 -25.85 12.15 -1.46
N GLU B 146 -24.53 12.11 -1.57
CA GLU B 146 -23.84 12.93 -2.56
C GLU B 146 -23.76 12.16 -3.87
N VAL B 147 -24.11 12.82 -4.97
CA VAL B 147 -24.37 12.15 -6.25
C VAL B 147 -23.70 12.91 -7.40
N ILE B 148 -23.09 12.17 -8.32
CA ILE B 148 -22.59 12.74 -9.56
C ILE B 148 -23.77 13.43 -10.26
N PRO B 149 -23.62 14.71 -10.66
CA PRO B 149 -24.82 15.43 -11.13
C PRO B 149 -25.57 14.74 -12.28
N MET B 150 -24.86 14.15 -13.23
CA MET B 150 -25.54 13.52 -14.38
C MET B 150 -26.23 12.21 -14.01
N ALA B 151 -26.05 11.76 -12.77
CA ALA B 151 -26.65 10.52 -12.26
C ALA B 151 -27.89 10.76 -11.40
N ARG B 152 -28.32 12.01 -11.27
CA ARG B 152 -29.44 12.37 -10.39
C ARG B 152 -30.64 11.44 -10.53
N SER B 153 -31.19 11.31 -11.73
CA SER B 153 -32.43 10.55 -11.92
CA SER B 153 -32.43 10.56 -11.88
C SER B 153 -32.22 9.06 -11.65
N HIS B 154 -31.07 8.56 -12.07
CA HIS B 154 -30.75 7.16 -11.85
C HIS B 154 -30.65 6.85 -10.36
N VAL B 155 -29.88 7.64 -9.64
CA VAL B 155 -29.70 7.36 -8.21
C VAL B 155 -31.00 7.53 -7.45
N ALA B 156 -31.80 8.53 -7.79
CA ALA B 156 -33.11 8.69 -7.16
C ALA B 156 -33.95 7.41 -7.34
N ARG B 157 -34.00 6.86 -8.55
CA ARG B 157 -34.75 5.62 -8.77
C ARG B 157 -34.24 4.49 -7.88
N GLN B 158 -32.93 4.40 -7.71
CA GLN B 158 -32.38 3.29 -6.91
C GLN B 158 -32.64 3.49 -5.43
N LEU B 159 -32.73 4.74 -4.99
CA LEU B 159 -33.05 5.05 -3.60
C LEU B 159 -34.53 4.76 -3.29
N VAL B 160 -35.40 4.98 -4.28
CA VAL B 160 -36.79 4.60 -4.14
C VAL B 160 -36.90 3.09 -3.88
N LYS B 161 -36.08 2.30 -4.57
CA LYS B 161 -36.10 0.84 -4.38
C LYS B 161 -35.73 0.45 -2.96
N LEU B 162 -34.98 1.29 -2.27
CA LEU B 162 -34.59 1.03 -0.89
C LEU B 162 -35.60 1.57 0.14
N GLY B 163 -36.72 2.10 -0.36
CA GLY B 163 -37.78 2.54 0.52
C GLY B 163 -37.74 4.00 0.92
N GLY B 164 -37.00 4.81 0.18
CA GLY B 164 -36.89 6.23 0.49
C GLY B 164 -37.55 7.13 -0.52
N ASP B 165 -37.81 8.38 -0.09
CA ASP B 165 -38.33 9.44 -0.96
C ASP B 165 -37.22 10.48 -1.13
N PRO B 166 -36.44 10.39 -2.23
CA PRO B 166 -35.30 11.30 -2.41
C PRO B 166 -35.72 12.68 -2.91
N VAL B 167 -35.05 13.72 -2.41
CA VAL B 167 -35.33 15.09 -2.83
C VAL B 167 -34.02 15.80 -3.15
N TYR B 168 -33.90 16.27 -4.40
CA TYR B 168 -32.74 17.06 -4.79
C TYR B 168 -32.66 18.36 -3.98
N ARG B 169 -31.47 18.65 -3.47
CA ARG B 169 -31.26 19.86 -2.68
C ARG B 169 -30.96 21.02 -3.63
N GLU B 170 -32.00 21.77 -3.97
CA GLU B 170 -31.93 22.79 -5.00
C GLU B 170 -30.79 23.79 -4.84
N GLY B 171 -30.02 23.94 -5.92
CA GLY B 171 -29.02 24.99 -5.99
C GLY B 171 -27.71 24.68 -5.29
N VAL B 172 -27.63 23.53 -4.63
CA VAL B 172 -26.45 23.22 -3.86
C VAL B 172 -25.45 22.37 -4.64
N LEU B 173 -24.18 22.79 -4.63
CA LEU B 173 -23.09 21.92 -5.08
C LEU B 173 -22.09 21.82 -3.94
N THR B 174 -21.60 20.61 -3.67
CA THR B 174 -20.62 20.40 -2.62
C THR B 174 -19.26 20.93 -3.06
N ASP B 175 -18.28 20.93 -2.16
CA ASP B 175 -16.90 21.30 -2.51
C ASP B 175 -16.38 20.47 -3.68
N ASN B 176 -16.95 19.27 -3.86
CA ASN B 176 -16.50 18.34 -4.91
C ASN B 176 -17.27 18.51 -6.22
N GLY B 177 -18.20 19.46 -6.27
CA GLY B 177 -18.94 19.72 -7.48
C GLY B 177 -20.11 18.77 -7.71
N ASN B 178 -20.57 18.12 -6.66
CA ASN B 178 -21.68 17.17 -6.75
C ASN B 178 -22.98 17.70 -6.14
N ILE B 179 -24.09 17.09 -6.52
CA ILE B 179 -25.38 17.43 -5.92
C ILE B 179 -25.64 16.56 -4.69
N ILE B 180 -26.68 16.91 -3.94
CA ILE B 180 -27.15 16.09 -2.84
C ILE B 180 -28.61 15.73 -3.04
N LEU B 181 -28.92 14.46 -2.83
CA LEU B 181 -30.29 14.00 -2.68
C LEU B 181 -30.49 13.71 -1.20
N ASP B 182 -31.50 14.33 -0.60
CA ASP B 182 -31.85 14.08 0.79
C ASP B 182 -33.00 13.09 0.81
N VAL B 183 -32.80 11.97 1.50
CA VAL B 183 -33.75 10.86 1.39
C VAL B 183 -34.68 10.79 2.60
N HIS B 184 -35.96 11.05 2.37
CA HIS B 184 -36.95 11.09 3.44
C HIS B 184 -37.59 9.72 3.65
N ASN B 185 -38.11 9.50 4.86
CA ASN B 185 -38.99 8.37 5.17
C ASN B 185 -38.30 7.00 5.20
N LEU B 186 -37.01 7.00 5.51
CA LEU B 186 -36.31 5.74 5.81
C LEU B 186 -36.41 5.45 7.30
N ARG B 187 -36.69 4.19 7.64
CA ARG B 187 -36.59 3.73 9.03
C ARG B 187 -35.32 2.89 9.08
N ILE B 188 -34.23 3.48 9.54
CA ILE B 188 -32.92 2.85 9.38
C ILE B 188 -32.55 1.97 10.57
N ASP B 189 -33.17 0.80 10.63
CA ASP B 189 -32.93 -0.14 11.71
C ASP B 189 -31.54 -0.77 11.65
N SER B 190 -30.97 -0.86 10.45
CA SER B 190 -29.65 -1.46 10.28
C SER B 190 -28.74 -0.55 9.48
N PRO B 191 -28.19 0.48 10.15
CA PRO B 191 -27.38 1.50 9.44
C PRO B 191 -26.17 0.96 8.66
N VAL B 192 -25.46 -0.03 9.21
CA VAL B 192 -24.30 -0.57 8.50
C VAL B 192 -24.76 -1.22 7.18
N GLU B 193 -25.83 -1.99 7.25
CA GLU B 193 -26.36 -2.66 6.06
C GLU B 193 -26.86 -1.67 5.01
N LEU B 194 -27.59 -0.65 5.43
CA LEU B 194 -28.12 0.31 4.48
C LEU B 194 -27.00 1.14 3.85
N GLU B 195 -25.98 1.46 4.63
CA GLU B 195 -24.84 2.21 4.13
C GLU B 195 -24.20 1.46 2.96
N GLU B 196 -24.04 0.15 3.14
CA GLU B 196 -23.47 -0.71 2.11
C GLU B 196 -24.40 -0.80 0.89
N LYS B 197 -25.71 -0.92 1.12
CA LYS B 197 -26.66 -0.97 0.00
C LYS B 197 -26.62 0.30 -0.83
N ILE B 198 -26.53 1.45 -0.18
CA ILE B 198 -26.47 2.70 -0.92
C ILE B 198 -25.14 2.84 -1.69
N ASN B 199 -24.04 2.37 -1.10
CA ASN B 199 -22.75 2.39 -1.79
C ASN B 199 -22.70 1.48 -3.01
N ALA B 200 -23.66 0.55 -3.13
CA ALA B 200 -23.75 -0.33 -4.29
C ALA B 200 -24.42 0.39 -5.47
N ILE B 201 -24.94 1.59 -5.24
CA ILE B 201 -25.57 2.33 -6.33
C ILE B 201 -24.50 3.13 -7.09
N VAL B 202 -24.35 2.83 -8.38
CA VAL B 202 -23.41 3.55 -9.22
C VAL B 202 -23.90 4.97 -9.42
N GLY B 203 -23.02 5.94 -9.16
CA GLY B 203 -23.39 7.35 -9.17
C GLY B 203 -23.35 7.99 -7.79
N VAL B 204 -23.42 7.17 -6.75
CA VAL B 204 -23.24 7.67 -5.38
C VAL B 204 -21.76 7.90 -5.11
N VAL B 205 -21.43 9.08 -4.60
CA VAL B 205 -20.06 9.42 -4.21
C VAL B 205 -19.84 8.98 -2.76
N THR B 206 -20.66 9.51 -1.86
CA THR B 206 -20.76 9.00 -0.49
CA THR B 206 -20.71 9.09 -0.47
C THR B 206 -22.18 9.18 -0.02
N ASN B 207 -22.57 8.41 0.99
CA ASN B 207 -23.83 8.66 1.68
C ASN B 207 -23.54 9.07 3.13
N GLY B 208 -24.54 9.69 3.76
CA GLY B 208 -24.35 10.30 5.06
C GLY B 208 -24.42 9.38 6.25
N LEU B 209 -24.53 8.07 6.03
CA LEU B 209 -24.46 7.14 7.15
C LEU B 209 -23.01 6.89 7.54
N PHE B 210 -22.64 7.30 8.76
CA PHE B 210 -21.32 6.98 9.28
C PHE B 210 -21.57 5.83 10.25
N ALA B 211 -21.55 4.61 9.72
CA ALA B 211 -22.01 3.44 10.45
C ALA B 211 -20.95 2.32 10.46
N ALA B 212 -20.44 1.94 9.29
CA ALA B 212 -19.33 0.98 9.24
C ALA B 212 -18.13 1.53 10.01
N ARG B 213 -17.91 2.84 9.87
CA ARG B 213 -16.97 3.58 10.70
C ARG B 213 -17.80 4.62 11.48
N PRO B 214 -18.26 4.24 12.67
CA PRO B 214 -19.11 5.13 13.47
C PRO B 214 -18.25 6.08 14.28
N ALA B 215 -18.87 6.94 15.06
CA ALA B 215 -18.09 7.73 16.02
C ALA B 215 -17.50 6.80 17.06
N ASP B 216 -16.35 7.18 17.62
CA ASP B 216 -15.75 6.43 18.73
C ASP B 216 -16.19 6.98 20.08
N LEU B 217 -16.45 8.27 20.12
CA LEU B 217 -16.85 8.96 21.33
C LEU B 217 -17.92 9.97 20.94
N LEU B 218 -18.97 10.06 21.76
CA LEU B 218 -20.02 11.05 21.53
C LEU B 218 -20.14 11.92 22.76
N LEU B 219 -19.86 13.22 22.58
CA LEU B 219 -20.00 14.18 23.66
C LEU B 219 -21.30 14.92 23.44
N LEU B 220 -22.22 14.74 24.37
CA LEU B 220 -23.59 15.21 24.21
C LEU B 220 -23.90 16.34 25.18
N GLY B 221 -24.27 17.50 24.64
CA GLY B 221 -24.51 18.67 25.46
C GLY B 221 -25.92 18.72 26.02
N THR B 222 -26.01 18.75 27.34
CA THR B 222 -27.29 18.85 28.04
C THR B 222 -27.29 20.08 28.96
N ALA B 223 -28.45 20.44 29.49
CA ALA B 223 -28.55 21.61 30.36
C ALA B 223 -27.74 21.45 31.65
N ASP B 224 -27.49 20.21 32.06
CA ASP B 224 -26.76 19.92 33.29
C ASP B 224 -25.29 19.60 33.04
N GLY B 225 -24.86 19.70 31.79
CA GLY B 225 -23.47 19.46 31.45
C GLY B 225 -23.29 18.47 30.31
N VAL B 226 -22.03 18.22 29.98
CA VAL B 226 -21.71 17.37 28.84
C VAL B 226 -21.63 15.91 29.27
N LYS B 227 -22.33 15.05 28.54
CA LYS B 227 -22.29 13.61 28.81
C LYS B 227 -21.41 12.88 27.80
N THR B 228 -20.70 11.87 28.27
CA THR B 228 -19.83 11.06 27.42
C THR B 228 -20.49 9.73 27.11
N LEU B 229 -20.71 9.44 25.83
CA LEU B 229 -21.38 8.22 25.41
C LEU B 229 -20.47 7.35 24.53
N LYS B 230 -20.59 6.04 24.69
CA LYS B 230 -19.85 5.08 23.87
C LYS B 230 -20.82 4.00 23.36
N ALA B 231 -20.45 3.35 22.26
CA ALA B 231 -21.29 2.33 21.64
C ALA B 231 -21.45 1.06 22.49
N HIS C 8 -5.77 -10.55 -43.67
CA HIS C 8 -5.42 -10.24 -42.30
C HIS C 8 -6.17 -9.02 -41.81
N MET C 9 -6.53 -9.01 -40.53
CA MET C 9 -7.20 -7.84 -39.94
CA MET C 9 -7.20 -7.84 -39.94
C MET C 9 -6.39 -7.29 -38.78
N ASN C 10 -6.06 -6.00 -38.86
CA ASN C 10 -5.33 -5.34 -37.79
C ASN C 10 -6.32 -4.94 -36.68
N GLN C 11 -5.81 -4.35 -35.59
CA GLN C 11 -6.69 -4.03 -34.46
CA GLN C 11 -6.68 -4.02 -34.47
C GLN C 11 -7.77 -3.01 -34.84
N ASP C 12 -7.41 -2.02 -35.66
CA ASP C 12 -8.41 -1.03 -36.10
C ASP C 12 -9.54 -1.70 -36.87
N GLN C 13 -9.19 -2.63 -37.76
CA GLN C 13 -10.18 -3.33 -38.57
C GLN C 13 -11.08 -4.21 -37.70
N LEU C 14 -10.51 -4.83 -36.67
CA LEU C 14 -11.31 -5.61 -35.73
C LEU C 14 -12.28 -4.70 -34.96
N LYS C 15 -11.80 -3.53 -34.52
CA LYS C 15 -12.65 -2.56 -33.85
C LYS C 15 -13.77 -2.07 -34.77
N GLN C 16 -13.44 -1.81 -36.03
CA GLN C 16 -14.46 -1.40 -36.98
C GLN C 16 -15.51 -2.49 -37.22
N ALA C 17 -15.07 -3.75 -37.24
CA ALA C 17 -15.98 -4.87 -37.43
C ALA C 17 -17.01 -4.95 -36.29
N VAL C 18 -16.56 -4.81 -35.05
CA VAL C 18 -17.50 -4.89 -33.93
C VAL C 18 -18.38 -3.64 -33.83
N ALA C 19 -17.85 -2.49 -34.22
CA ALA C 19 -18.63 -1.26 -34.25
C ALA C 19 -19.82 -1.44 -35.20
N GLN C 20 -19.55 -1.95 -36.40
CA GLN C 20 -20.63 -2.17 -37.36
C GLN C 20 -21.57 -3.28 -36.90
N ALA C 21 -21.03 -4.32 -36.28
CA ALA C 21 -21.86 -5.41 -35.77
C ALA C 21 -22.84 -4.92 -34.70
N ALA C 22 -22.41 -3.97 -33.87
CA ALA C 22 -23.32 -3.39 -32.88
C ALA C 22 -24.45 -2.60 -33.55
N VAL C 23 -24.12 -1.82 -34.58
CA VAL C 23 -25.15 -1.14 -35.36
C VAL C 23 -26.11 -2.16 -35.96
N ASP C 24 -25.57 -3.23 -36.55
CA ASP C 24 -26.41 -4.27 -37.15
C ASP C 24 -27.38 -4.85 -36.13
N HIS C 25 -26.89 -5.04 -34.90
CA HIS C 25 -27.70 -5.63 -33.84
C HIS C 25 -28.83 -4.71 -33.40
N ILE C 26 -28.53 -3.43 -33.21
CA ILE C 26 -29.53 -2.51 -32.65
C ILE C 26 -30.47 -1.91 -33.68
N LEU C 27 -30.03 -1.79 -34.93
CA LEU C 27 -30.81 -1.09 -35.95
C LEU C 27 -32.28 -1.54 -36.08
N PRO C 28 -32.55 -2.86 -36.11
CA PRO C 28 -33.95 -3.29 -36.23
C PRO C 28 -34.83 -2.88 -35.04
N HIS C 29 -34.18 -2.49 -33.94
CA HIS C 29 -34.89 -2.12 -32.72
C HIS C 29 -35.03 -0.60 -32.56
N LEU C 30 -34.44 0.17 -33.48
CA LEU C 30 -34.49 1.62 -33.38
C LEU C 30 -35.70 2.21 -34.11
N ASP C 31 -36.32 3.20 -33.49
CA ASP C 31 -37.32 4.01 -34.19
C ASP C 31 -37.04 5.49 -33.93
N SER C 32 -37.92 6.36 -34.40
CA SER C 32 -37.67 7.80 -34.36
C SER C 32 -37.46 8.35 -32.96
N LYS C 33 -37.90 7.61 -31.94
CA LYS C 33 -37.79 8.08 -30.57
CA LYS C 33 -37.81 8.03 -30.55
C LYS C 33 -36.68 7.37 -29.78
N SER C 34 -35.91 6.51 -30.44
CA SER C 34 -34.84 5.79 -29.76
C SER C 34 -33.68 6.69 -29.37
N ILE C 35 -33.20 6.51 -28.15
CA ILE C 35 -32.01 7.18 -27.66
C ILE C 35 -30.98 6.10 -27.30
N VAL C 36 -29.77 6.24 -27.84
CA VAL C 36 -28.72 5.23 -27.65
C VAL C 36 -27.64 5.74 -26.69
N GLY C 37 -27.27 4.93 -25.70
CA GLY C 37 -26.17 5.28 -24.82
C GLY C 37 -24.84 4.96 -25.47
N VAL C 38 -23.88 5.87 -25.39
CA VAL C 38 -22.63 5.74 -26.13
C VAL C 38 -21.41 5.84 -25.24
N GLY C 39 -20.50 4.87 -25.40
CA GLY C 39 -19.26 4.81 -24.65
C GLY C 39 -18.24 5.86 -25.02
N THR C 40 -17.00 5.66 -24.55
CA THR C 40 -15.91 6.59 -24.78
C THR C 40 -14.66 5.84 -25.21
N GLY C 41 -13.88 6.45 -26.10
CA GLY C 41 -12.60 5.85 -26.46
C GLY C 41 -12.55 5.34 -27.88
N SER C 42 -11.46 4.65 -28.21
CA SER C 42 -11.18 4.27 -29.60
CA SER C 42 -11.16 4.25 -29.59
C SER C 42 -12.28 3.41 -30.22
N THR C 43 -12.70 2.36 -29.51
CA THR C 43 -13.70 1.46 -30.07
C THR C 43 -15.07 2.15 -30.16
N ALA C 44 -15.46 2.83 -29.09
CA ALA C 44 -16.70 3.61 -29.09
C ALA C 44 -16.72 4.64 -30.22
N ASN C 45 -15.58 5.25 -30.52
CA ASN C 45 -15.54 6.23 -31.60
C ASN C 45 -15.80 5.62 -32.97
N PHE C 46 -15.29 4.41 -33.22
CA PHE C 46 -15.66 3.70 -34.44
C PHE C 46 -17.16 3.42 -34.47
N PHE C 47 -17.74 3.11 -33.32
CA PHE C 47 -19.19 2.92 -33.24
C PHE C 47 -19.95 4.21 -33.57
N ILE C 48 -19.49 5.35 -33.08
CA ILE C 48 -20.13 6.62 -33.42
C ILE C 48 -20.12 6.83 -34.94
N ASP C 49 -18.99 6.55 -35.59
CA ASP C 49 -18.90 6.67 -37.05
C ASP C 49 -19.96 5.82 -37.75
N ALA C 50 -20.09 4.57 -37.32
CA ALA C 50 -21.05 3.66 -37.94
C ALA C 50 -22.50 4.04 -37.63
N LEU C 51 -22.77 4.46 -36.40
CA LEU C 51 -24.11 4.81 -35.98
C LEU C 51 -24.61 6.06 -36.69
N ALA C 52 -23.71 7.01 -36.91
CA ALA C 52 -24.06 8.29 -37.51
C ALA C 52 -24.66 8.15 -38.89
N ARG C 53 -24.31 7.07 -39.58
CA ARG C 53 -24.85 6.79 -40.91
C ARG C 53 -26.36 6.55 -40.87
N HIS C 54 -26.90 6.36 -39.67
CA HIS C 54 -28.32 6.08 -39.48
C HIS C 54 -29.03 7.13 -38.62
N LYS C 55 -28.44 8.31 -38.49
CA LYS C 55 -29.00 9.31 -37.58
C LYS C 55 -30.42 9.75 -37.92
N ALA C 56 -30.80 9.70 -39.19
CA ALA C 56 -32.14 10.07 -39.61
C ALA C 56 -33.20 9.00 -39.30
N GLU C 57 -32.77 7.96 -38.58
CA GLU C 57 -33.64 6.85 -38.21
C GLU C 57 -33.94 6.80 -36.71
N PHE C 58 -33.17 7.53 -35.90
CA PHE C 58 -33.41 7.54 -34.47
C PHE C 58 -33.36 8.96 -33.90
N ASP C 59 -33.56 9.09 -32.59
CA ASP C 59 -33.65 10.42 -31.99
C ASP C 59 -32.27 10.99 -31.71
N GLY C 60 -31.56 10.40 -30.75
CA GLY C 60 -30.26 10.91 -30.39
C GLY C 60 -29.54 9.98 -29.45
N ALA C 61 -28.62 10.54 -28.67
CA ALA C 61 -27.73 9.74 -27.86
C ALA C 61 -27.47 10.35 -26.51
N VAL C 62 -27.10 9.50 -25.54
CA VAL C 62 -26.57 9.96 -24.26
C VAL C 62 -25.07 9.68 -24.26
N ALA C 63 -24.28 10.67 -23.86
CA ALA C 63 -22.82 10.56 -23.86
C ALA C 63 -22.29 10.12 -22.51
N SER C 64 -21.23 9.31 -22.52
CA SER C 64 -20.55 8.89 -21.31
C SER C 64 -19.30 9.73 -21.01
N SER C 65 -19.05 10.77 -21.80
CA SER C 65 -17.94 11.69 -21.53
C SER C 65 -18.18 12.97 -22.28
N GLU C 66 -17.49 14.03 -21.87
CA GLU C 66 -17.52 15.28 -22.63
C GLU C 66 -16.94 15.08 -24.02
N ALA C 67 -15.90 14.25 -24.13
CA ALA C 67 -15.28 13.94 -25.41
C ALA C 67 -16.29 13.27 -26.34
N THR C 68 -17.03 12.29 -25.83
CA THR C 68 -18.04 11.61 -26.61
C THR C 68 -19.17 12.55 -27.03
N ALA C 69 -19.59 13.46 -26.13
CA ALA C 69 -20.62 14.43 -26.47
C ALA C 69 -20.17 15.27 -27.67
N LYS C 70 -18.92 15.72 -27.65
CA LYS C 70 -18.38 16.48 -28.78
C LYS C 70 -18.36 15.65 -30.06
N ARG C 71 -17.89 14.40 -29.97
CA ARG C 71 -17.83 13.54 -31.15
CA ARG C 71 -17.82 13.56 -31.16
C ARG C 71 -19.21 13.33 -31.75
N LEU C 72 -20.20 13.07 -30.89
CA LEU C 72 -21.57 12.88 -31.35
C LEU C 72 -22.06 14.12 -32.11
N LYS C 73 -21.87 15.28 -31.50
CA LYS C 73 -22.31 16.54 -32.11
C LYS C 73 -21.59 16.80 -33.44
N GLU C 74 -20.29 16.50 -33.48
CA GLU C 74 -19.51 16.68 -34.71
C GLU C 74 -20.06 15.81 -35.84
N HIS C 75 -20.69 14.69 -35.49
CA HIS C 75 -21.31 13.79 -36.46
C HIS C 75 -22.79 14.09 -36.69
N GLY C 76 -23.31 15.13 -36.05
CA GLY C 76 -24.70 15.53 -36.23
C GLY C 76 -25.74 14.72 -35.47
N ILE C 77 -25.32 13.99 -34.45
CA ILE C 77 -26.25 13.24 -33.60
C ILE C 77 -26.60 14.08 -32.37
N PRO C 78 -27.90 14.36 -32.15
CA PRO C 78 -28.30 15.13 -30.97
C PRO C 78 -27.89 14.42 -29.67
N VAL C 79 -27.45 15.19 -28.68
CA VAL C 79 -27.06 14.66 -27.40
C VAL C 79 -28.03 15.11 -26.31
N TYR C 80 -28.52 14.14 -25.54
CA TYR C 80 -29.42 14.41 -24.42
C TYR C 80 -28.75 14.05 -23.10
N GLU C 81 -29.10 14.74 -22.03
CA GLU C 81 -28.60 14.37 -20.71
C GLU C 81 -29.32 13.12 -20.22
N LEU C 82 -28.57 12.25 -19.54
CA LEU C 82 -29.14 11.02 -18.97
C LEU C 82 -30.35 11.30 -18.07
N ASN C 83 -30.34 12.43 -17.37
CA ASN C 83 -31.41 12.78 -16.45
C ASN C 83 -32.77 12.93 -17.14
N THR C 84 -32.76 13.13 -18.46
CA THR C 84 -34.00 13.31 -19.22
C THR C 84 -34.62 11.99 -19.66
N VAL C 85 -33.95 10.87 -19.40
CA VAL C 85 -34.50 9.55 -19.69
C VAL C 85 -34.71 8.72 -18.41
N SER C 86 -35.70 7.83 -18.43
CA SER C 86 -35.98 6.96 -17.28
C SER C 86 -35.38 5.58 -17.51
N GLU C 87 -35.07 5.30 -18.76
CA GLU C 87 -34.40 4.07 -19.17
C GLU C 87 -33.86 4.25 -20.57
N LEU C 88 -32.86 3.43 -20.91
CA LEU C 88 -32.28 3.42 -22.25
CA LEU C 88 -32.26 3.42 -22.22
C LEU C 88 -32.31 1.97 -22.67
N GLU C 89 -32.63 1.68 -23.93
CA GLU C 89 -32.59 0.29 -24.37
CA GLU C 89 -32.58 0.29 -24.34
C GLU C 89 -31.15 -0.23 -24.45
N PHE C 90 -30.29 0.52 -25.14
CA PHE C 90 -28.91 0.10 -25.38
C PHE C 90 -27.86 1.07 -24.87
N TYR C 91 -26.76 0.50 -24.34
CA TYR C 91 -25.53 1.23 -24.10
C TYR C 91 -24.42 0.42 -24.77
N VAL C 92 -23.62 1.09 -25.60
CA VAL C 92 -22.57 0.41 -26.38
C VAL C 92 -21.22 1.03 -26.05
N ASP C 93 -20.26 0.21 -25.63
CA ASP C 93 -18.97 0.73 -25.17
C ASP C 93 -17.92 -0.38 -25.26
N GLY C 94 -16.66 0.02 -25.31
CA GLY C 94 -15.55 -0.93 -25.24
C GLY C 94 -15.17 -1.28 -23.82
N ALA C 95 -14.04 -1.99 -23.69
CA ALA C 95 -13.50 -2.39 -22.40
C ALA C 95 -12.02 -2.66 -22.54
N ASP C 96 -11.31 -2.68 -21.41
CA ASP C 96 -9.91 -3.06 -21.41
C ASP C 96 -9.71 -4.58 -21.27
N GLU C 97 -10.60 -5.23 -20.52
CA GLU C 97 -10.65 -6.69 -20.44
C GLU C 97 -12.09 -7.14 -20.27
N SER C 98 -12.41 -8.30 -20.84
CA SER C 98 -13.61 -9.04 -20.47
C SER C 98 -13.21 -10.47 -20.20
N ASN C 99 -13.84 -11.11 -19.23
CA ASN C 99 -13.75 -12.57 -19.13
C ASN C 99 -14.96 -13.23 -19.82
N GLU C 100 -15.07 -14.54 -19.73
CA GLU C 100 -16.14 -15.26 -20.42
C GLU C 100 -17.51 -15.10 -19.74
N ARG C 101 -17.50 -14.53 -18.53
CA ARG C 101 -18.74 -14.19 -17.84
C ARG C 101 -19.18 -12.75 -18.12
N LEU C 102 -18.46 -12.09 -19.04
CA LEU C 102 -18.78 -10.71 -19.45
C LEU C 102 -18.56 -9.69 -18.32
N GLU C 103 -17.77 -10.09 -17.34
CA GLU C 103 -17.30 -9.16 -16.31
C GLU C 103 -16.11 -8.40 -16.89
N LEU C 104 -16.06 -7.09 -16.68
CA LEU C 104 -15.09 -6.25 -17.38
C LEU C 104 -14.15 -5.51 -16.45
N ILE C 105 -12.97 -5.20 -16.96
CA ILE C 105 -12.18 -4.09 -16.42
C ILE C 105 -12.21 -2.94 -17.42
N LYS C 106 -12.58 -1.76 -16.93
CA LYS C 106 -12.73 -0.54 -17.72
C LYS C 106 -12.03 0.62 -17.02
N GLY C 107 -11.82 1.70 -17.79
CA GLY C 107 -11.25 2.92 -17.24
C GLY C 107 -9.89 3.31 -17.79
N GLY C 108 -9.34 2.54 -18.73
CA GLY C 108 -8.12 2.96 -19.40
C GLY C 108 -8.28 4.34 -19.99
N GLY C 109 -9.46 4.61 -20.54
CA GLY C 109 -9.79 5.90 -21.13
C GLY C 109 -10.26 6.95 -20.16
N ALA C 110 -10.22 6.64 -18.85
CA ALA C 110 -10.51 7.58 -17.76
C ALA C 110 -11.96 7.99 -17.61
N ALA C 111 -12.88 7.36 -18.34
CA ALA C 111 -14.29 7.74 -18.36
C ALA C 111 -15.18 6.76 -17.59
N LEU C 112 -14.56 5.91 -16.76
CA LEU C 112 -15.27 4.82 -16.10
C LEU C 112 -16.52 5.24 -15.31
N THR C 113 -16.49 6.39 -14.64
CA THR C 113 -17.63 6.75 -13.79
C THR C 113 -18.92 7.00 -14.58
N ARG C 114 -18.88 7.93 -15.52
CA ARG C 114 -20.08 8.19 -16.31
C ARG C 114 -20.44 7.00 -17.21
N GLU C 115 -19.44 6.24 -17.67
CA GLU C 115 -19.71 5.00 -18.41
C GLU C 115 -20.51 4.02 -17.55
N LYS C 116 -20.10 3.85 -16.30
CA LYS C 116 -20.75 2.91 -15.40
C LYS C 116 -22.18 3.37 -15.08
N ILE C 117 -22.38 4.68 -14.97
CA ILE C 117 -23.71 5.24 -14.69
C ILE C 117 -24.66 5.02 -15.89
N VAL C 118 -24.20 5.34 -17.09
CA VAL C 118 -25.05 5.13 -18.26
C VAL C 118 -25.36 3.64 -18.43
N ALA C 119 -24.35 2.79 -18.23
CA ALA C 119 -24.56 1.34 -18.31
C ALA C 119 -25.62 0.87 -17.31
N ALA C 120 -25.67 1.50 -16.13
CA ALA C 120 -26.63 1.11 -15.11
C ALA C 120 -28.06 1.40 -15.54
N VAL C 121 -28.25 2.49 -16.29
CA VAL C 121 -29.56 2.89 -16.76
C VAL C 121 -30.02 2.04 -17.96
N ALA C 122 -29.09 1.62 -18.79
CA ALA C 122 -29.43 0.87 -19.99
C ALA C 122 -29.94 -0.53 -19.66
N LYS C 123 -30.95 -0.97 -20.40
CA LYS C 123 -31.43 -2.34 -20.27
C LYS C 123 -30.39 -3.33 -20.77
N THR C 124 -29.80 -3.05 -21.93
CA THR C 124 -28.86 -3.96 -22.57
C THR C 124 -27.52 -3.27 -22.82
N PHE C 125 -26.49 -3.75 -22.14
CA PHE C 125 -25.14 -3.23 -22.28
C PHE C 125 -24.40 -4.14 -23.24
N ILE C 126 -24.10 -3.61 -24.42
CA ILE C 126 -23.34 -4.32 -25.43
C ILE C 126 -21.90 -3.84 -25.35
N CYS C 127 -21.00 -4.76 -25.02
CA CYS C 127 -19.57 -4.48 -25.05
C CYS C 127 -19.03 -4.87 -26.42
N ILE C 128 -18.35 -3.93 -27.06
CA ILE C 128 -17.70 -4.17 -28.35
C ILE C 128 -16.18 -4.16 -28.16
N ALA C 129 -15.51 -5.20 -28.64
CA ALA C 129 -14.08 -5.33 -28.37
C ALA C 129 -13.37 -6.15 -29.44
N ASP C 130 -12.14 -5.78 -29.75
CA ASP C 130 -11.28 -6.65 -30.55
C ASP C 130 -10.79 -7.81 -29.69
N ALA C 131 -10.32 -8.87 -30.35
CA ALA C 131 -9.95 -10.13 -29.71
C ALA C 131 -9.04 -10.01 -28.50
N SER C 132 -8.13 -9.03 -28.52
CA SER C 132 -7.14 -8.86 -27.46
C SER C 132 -7.75 -8.55 -26.10
N LYS C 133 -9.01 -8.12 -26.06
CA LYS C 133 -9.64 -7.73 -24.81
CA LYS C 133 -9.65 -7.72 -24.81
C LYS C 133 -10.20 -8.92 -24.03
N LEU C 134 -10.43 -10.05 -24.72
CA LEU C 134 -10.95 -11.22 -24.03
C LEU C 134 -9.81 -11.97 -23.37
N VAL C 135 -9.92 -12.15 -22.06
CA VAL C 135 -8.88 -12.80 -21.28
C VAL C 135 -9.48 -13.95 -20.49
N PRO C 136 -8.70 -15.02 -20.27
CA PRO C 136 -9.21 -16.14 -19.47
C PRO C 136 -9.54 -15.70 -18.05
N ILE C 137 -8.73 -14.80 -17.50
CA ILE C 137 -8.85 -14.34 -16.12
C ILE C 137 -8.62 -12.83 -16.07
N LEU C 138 -9.55 -12.07 -15.48
CA LEU C 138 -9.35 -10.62 -15.31
C LEU C 138 -8.16 -10.37 -14.39
N GLY C 139 -7.39 -9.32 -14.68
CA GLY C 139 -6.37 -8.88 -13.74
C GLY C 139 -5.08 -8.28 -14.29
N GLN C 140 -4.65 -8.69 -15.48
CA GLN C 140 -3.38 -8.18 -16.02
CA GLN C 140 -3.38 -8.19 -16.01
C GLN C 140 -3.41 -6.68 -16.24
N PHE C 141 -4.50 -6.19 -16.82
CA PHE C 141 -4.66 -4.75 -17.03
C PHE C 141 -4.86 -4.07 -15.68
N PRO C 142 -4.03 -3.07 -15.35
CA PRO C 142 -4.15 -2.44 -14.03
C PRO C 142 -5.54 -1.86 -13.81
N LEU C 143 -6.11 -2.11 -12.64
CA LEU C 143 -7.50 -1.73 -12.37
C LEU C 143 -7.62 -0.24 -12.06
N PRO C 144 -8.36 0.52 -12.89
CA PRO C 144 -8.53 1.94 -12.57
C PRO C 144 -9.53 2.16 -11.44
N VAL C 145 -9.18 3.08 -10.53
CA VAL C 145 -10.07 3.47 -9.45
C VAL C 145 -10.12 5.00 -9.42
N GLU C 146 -11.32 5.57 -9.56
CA GLU C 146 -11.48 7.02 -9.52
C GLU C 146 -11.66 7.48 -8.08
N VAL C 147 -10.91 8.50 -7.68
CA VAL C 147 -10.75 8.88 -6.28
C VAL C 147 -10.88 10.39 -6.11
N ILE C 148 -11.62 10.80 -5.07
CA ILE C 148 -11.66 12.21 -4.67
C ILE C 148 -10.21 12.66 -4.42
N PRO C 149 -9.76 13.77 -5.04
CA PRO C 149 -8.32 14.07 -4.95
C PRO C 149 -7.76 14.17 -3.52
N MET C 150 -8.49 14.74 -2.58
CA MET C 150 -7.96 14.87 -1.22
C MET C 150 -7.94 13.53 -0.47
N ALA C 151 -8.51 12.48 -1.08
CA ALA C 151 -8.51 11.13 -0.51
C ALA C 151 -7.41 10.22 -1.06
N ARG C 152 -6.58 10.75 -1.96
CA ARG C 152 -5.56 9.92 -2.62
C ARG C 152 -4.77 8.99 -1.69
N SER C 153 -4.15 9.55 -0.66
CA SER C 153 -3.26 8.74 0.18
CA SER C 153 -3.26 8.74 0.17
C SER C 153 -4.04 7.70 0.97
N HIS C 154 -5.21 8.10 1.47
CA HIS C 154 -6.08 7.18 2.21
C HIS C 154 -6.49 5.99 1.33
N VAL C 155 -7.00 6.28 0.13
CA VAL C 155 -7.46 5.20 -0.74
C VAL C 155 -6.29 4.31 -1.17
N ALA C 156 -5.15 4.91 -1.48
CA ALA C 156 -3.96 4.12 -1.82
C ALA C 156 -3.59 3.17 -0.68
N ARG C 157 -3.62 3.66 0.56
CA ARG C 157 -3.32 2.79 1.69
C ARG C 157 -4.25 1.57 1.75
N GLN C 158 -5.53 1.80 1.47
CA GLN C 158 -6.51 0.71 1.54
C GLN C 158 -6.33 -0.26 0.39
N LEU C 159 -5.92 0.25 -0.77
CA LEU C 159 -5.68 -0.62 -1.93
C LEU C 159 -4.43 -1.49 -1.74
N VAL C 160 -3.42 -0.93 -1.08
CA VAL C 160 -2.24 -1.71 -0.68
C VAL C 160 -2.64 -2.88 0.22
N LYS C 161 -3.61 -2.66 1.11
CA LYS C 161 -4.09 -3.73 2.00
C LYS C 161 -4.80 -4.85 1.23
N LEU C 162 -5.31 -4.54 0.06
CA LEU C 162 -5.97 -5.56 -0.77
C LEU C 162 -4.94 -6.34 -1.59
N GLY C 163 -3.66 -6.04 -1.36
CA GLY C 163 -2.56 -6.75 -1.99
C GLY C 163 -2.09 -6.12 -3.28
N GLY C 164 -2.62 -4.96 -3.62
CA GLY C 164 -2.27 -4.32 -4.88
C GLY C 164 -1.19 -3.25 -4.76
N ASP C 165 -0.80 -2.73 -5.92
CA ASP C 165 0.19 -1.67 -6.02
C ASP C 165 -0.43 -0.50 -6.77
N PRO C 166 -1.06 0.43 -6.04
CA PRO C 166 -1.70 1.58 -6.69
C PRO C 166 -0.69 2.60 -7.22
N VAL C 167 -0.92 3.08 -8.44
CA VAL C 167 -0.05 4.06 -9.07
C VAL C 167 -0.91 5.22 -9.57
N TYR C 168 -0.67 6.41 -9.02
CA TYR C 168 -1.37 7.62 -9.44
C TYR C 168 -1.14 7.89 -10.93
N ARG C 169 -2.20 8.12 -11.67
CA ARG C 169 -2.08 8.42 -13.09
C ARG C 169 -1.73 9.90 -13.25
N GLU C 170 -0.45 10.19 -13.49
CA GLU C 170 0.06 11.55 -13.38
C GLU C 170 -0.67 12.53 -14.30
N GLY C 171 -1.10 13.64 -13.73
CA GLY C 171 -1.63 14.76 -14.49
C GLY C 171 -3.04 14.59 -15.02
N VAL C 172 -3.67 13.46 -14.75
CA VAL C 172 -4.99 13.20 -15.28
C VAL C 172 -6.07 13.60 -14.29
N LEU C 173 -7.06 14.34 -14.78
CA LEU C 173 -8.32 14.55 -14.05
C LEU C 173 -9.47 14.11 -14.93
N THR C 174 -10.41 13.38 -14.35
CA THR C 174 -11.57 12.91 -15.09
C THR C 174 -12.54 14.06 -15.37
N ASP C 175 -13.59 13.78 -16.14
CA ASP C 175 -14.65 14.78 -16.37
C ASP C 175 -15.26 15.25 -15.06
N ASN C 176 -15.15 14.42 -14.02
CA ASN C 176 -15.73 14.74 -12.72
C ASN C 176 -14.77 15.43 -11.75
N GLY C 177 -13.57 15.74 -12.23
CA GLY C 177 -12.59 16.45 -11.42
C GLY C 177 -11.82 15.57 -10.44
N ASN C 178 -11.81 14.26 -10.70
CA ASN C 178 -11.14 13.32 -9.80
C ASN C 178 -9.88 12.73 -10.38
N ILE C 179 -9.03 12.18 -9.52
CA ILE C 179 -7.84 11.48 -10.00
C ILE C 179 -8.14 10.00 -10.22
N ILE C 180 -7.19 9.31 -10.85
CA ILE C 180 -7.25 7.86 -11.01
C ILE C 180 -6.01 7.23 -10.37
N LEU C 181 -6.24 6.19 -9.58
CA LEU C 181 -5.20 5.27 -9.16
C LEU C 181 -5.37 4.00 -9.98
N ASP C 182 -4.33 3.62 -10.72
CA ASP C 182 -4.32 2.36 -11.45
C ASP C 182 -3.64 1.33 -10.58
N VAL C 183 -4.35 0.25 -10.25
CA VAL C 183 -3.85 -0.70 -9.28
C VAL C 183 -3.23 -1.90 -9.98
N HIS C 184 -1.91 -2.06 -9.82
CA HIS C 184 -1.18 -3.14 -10.46
C HIS C 184 -1.12 -4.36 -9.56
N ASN C 185 -0.93 -5.52 -10.18
CA ASN C 185 -0.60 -6.76 -9.48
C ASN C 185 -1.69 -7.34 -8.58
N LEU C 186 -2.93 -6.95 -8.81
CA LEU C 186 -4.03 -7.57 -8.07
C LEU C 186 -4.27 -8.99 -8.54
N ARG C 187 -4.72 -9.82 -7.60
CA ARG C 187 -5.27 -11.12 -7.91
C ARG C 187 -6.78 -11.01 -7.70
N ILE C 188 -7.54 -11.19 -8.78
CA ILE C 188 -8.98 -10.98 -8.74
C ILE C 188 -9.72 -12.32 -8.84
N ASP C 189 -9.79 -13.02 -7.73
CA ASP C 189 -10.45 -14.32 -7.72
C ASP C 189 -11.97 -14.21 -7.84
N SER C 190 -12.52 -13.09 -7.38
CA SER C 190 -13.95 -12.84 -7.49
C SER C 190 -14.20 -11.39 -7.86
N PRO C 191 -14.37 -11.12 -9.16
CA PRO C 191 -14.60 -9.74 -9.61
C PRO C 191 -15.77 -9.04 -8.89
N VAL C 192 -16.88 -9.73 -8.67
CA VAL C 192 -18.02 -9.12 -8.00
C VAL C 192 -17.66 -8.74 -6.55
N GLU C 193 -16.98 -9.64 -5.85
CA GLU C 193 -16.61 -9.37 -4.47
CA GLU C 193 -16.59 -9.38 -4.46
C GLU C 193 -15.60 -8.23 -4.35
N LEU C 194 -14.62 -8.22 -5.25
CA LEU C 194 -13.62 -7.17 -5.21
C LEU C 194 -14.22 -5.80 -5.54
N GLU C 195 -15.14 -5.77 -6.50
CA GLU C 195 -15.83 -4.52 -6.85
C GLU C 195 -16.53 -3.94 -5.62
N GLU C 196 -17.20 -4.79 -4.87
CA GLU C 196 -17.88 -4.41 -3.65
C GLU C 196 -16.89 -3.94 -2.56
N LYS C 197 -15.79 -4.67 -2.39
CA LYS C 197 -14.77 -4.29 -1.41
C LYS C 197 -14.20 -2.91 -1.69
N ILE C 198 -13.92 -2.62 -2.96
CA ILE C 198 -13.34 -1.33 -3.29
C ILE C 198 -14.38 -0.20 -3.08
N ASN C 199 -15.64 -0.48 -3.40
CA ASN C 199 -16.72 0.48 -3.15
C ASN C 199 -16.91 0.80 -1.66
N ALA C 200 -16.41 -0.07 -0.78
CA ALA C 200 -16.48 0.19 0.65
C ALA C 200 -15.39 1.13 1.16
N ILE C 201 -14.46 1.51 0.28
CA ILE C 201 -13.41 2.45 0.68
C ILE C 201 -13.93 3.87 0.49
N VAL C 202 -14.03 4.62 1.58
CA VAL C 202 -14.47 5.99 1.52
C VAL C 202 -13.44 6.82 0.75
N GLY C 203 -13.91 7.61 -0.23
CA GLY C 203 -13.02 8.32 -1.13
C GLY C 203 -13.06 7.77 -2.54
N VAL C 204 -13.48 6.52 -2.71
CA VAL C 204 -13.69 5.95 -4.04
C VAL C 204 -14.99 6.46 -4.65
N VAL C 205 -14.89 6.92 -5.90
CA VAL C 205 -16.05 7.39 -6.64
C VAL C 205 -16.64 6.20 -7.43
N THR C 206 -15.85 5.61 -8.32
CA THR C 206 -16.14 4.28 -8.88
C THR C 206 -14.84 3.52 -9.07
N ASN C 207 -14.95 2.21 -9.24
CA ASN C 207 -13.81 1.42 -9.69
C ASN C 207 -14.15 0.76 -11.03
N GLY C 208 -13.12 0.33 -11.75
CA GLY C 208 -13.28 -0.15 -13.11
C GLY C 208 -13.80 -1.57 -13.29
N LEU C 209 -14.13 -2.27 -12.21
CA LEU C 209 -14.78 -3.57 -12.38
C LEU C 209 -16.25 -3.37 -12.71
N PHE C 210 -16.66 -3.83 -13.88
CA PHE C 210 -18.09 -3.85 -14.23
C PHE C 210 -18.49 -5.32 -14.10
N ALA C 211 -18.82 -5.73 -12.89
CA ALA C 211 -19.00 -7.14 -12.59
C ALA C 211 -20.38 -7.41 -11.96
N ALA C 212 -20.78 -6.61 -10.97
CA ALA C 212 -22.13 -6.73 -10.41
C ALA C 212 -23.17 -6.47 -11.48
N ARG C 213 -22.90 -5.50 -12.35
CA ARG C 213 -23.64 -5.25 -13.58
C ARG C 213 -22.66 -5.47 -14.73
N PRO C 214 -22.56 -6.72 -15.22
CA PRO C 214 -21.63 -7.03 -16.30
C PRO C 214 -22.24 -6.65 -17.64
N ALA C 215 -21.50 -6.81 -18.74
CA ALA C 215 -22.11 -6.69 -20.05
C ALA C 215 -23.19 -7.76 -20.24
N ASP C 216 -24.19 -7.45 -21.07
CA ASP C 216 -25.21 -8.43 -21.46
C ASP C 216 -24.83 -9.16 -22.74
N LEU C 217 -24.09 -8.50 -23.60
CA LEU C 217 -23.69 -9.06 -24.88
C LEU C 217 -22.28 -8.60 -25.15
N LEU C 218 -21.42 -9.50 -25.63
CA LEU C 218 -20.07 -9.14 -26.03
C LEU C 218 -19.90 -9.46 -27.52
N LEU C 219 -19.63 -8.44 -28.31
CA LEU C 219 -19.32 -8.65 -29.73
C LEU C 219 -17.80 -8.55 -29.85
N LEU C 220 -17.18 -9.66 -30.25
CA LEU C 220 -15.73 -9.80 -30.20
C LEU C 220 -15.18 -9.93 -31.63
N GLY C 221 -14.30 -9.02 -32.02
CA GLY C 221 -13.75 -9.01 -33.36
C GLY C 221 -12.52 -9.88 -33.44
N THR C 222 -12.64 -10.99 -34.17
CA THR C 222 -11.53 -11.94 -34.28
C THR C 222 -11.14 -12.15 -35.74
N ALA C 223 -10.01 -12.83 -35.95
CA ALA C 223 -9.57 -13.20 -37.30
C ALA C 223 -10.61 -14.03 -38.05
N ASP C 224 -11.48 -14.73 -37.31
CA ASP C 224 -12.50 -15.60 -37.89
C ASP C 224 -13.87 -14.92 -37.96
N GLY C 225 -13.88 -13.61 -37.75
CA GLY C 225 -15.11 -12.85 -37.80
C GLY C 225 -15.57 -12.39 -36.43
N VAL C 226 -16.70 -11.69 -36.40
CA VAL C 226 -17.25 -11.21 -35.14
C VAL C 226 -17.99 -12.33 -34.42
N LYS C 227 -17.60 -12.59 -33.19
CA LYS C 227 -18.25 -13.59 -32.38
C LYS C 227 -19.22 -12.92 -31.42
N THR C 228 -20.38 -13.54 -31.25
CA THR C 228 -21.37 -13.06 -30.33
C THR C 228 -21.30 -13.92 -29.08
N LEU C 229 -20.93 -13.31 -27.97
CA LEU C 229 -20.72 -14.03 -26.73
C LEU C 229 -21.66 -13.54 -25.64
N LYS C 230 -22.13 -14.49 -24.82
CA LYS C 230 -23.00 -14.19 -23.70
C LYS C 230 -22.51 -14.96 -22.48
N ALA C 231 -22.90 -14.49 -21.31
CA ALA C 231 -22.52 -15.17 -20.07
C ALA C 231 -23.26 -16.49 -19.96
N ASN D 10 21.10 -41.18 -14.84
CA ASN D 10 21.95 -40.04 -14.52
C ASN D 10 21.25 -39.01 -13.64
N GLN D 11 21.93 -37.90 -13.37
CA GLN D 11 21.42 -36.88 -12.47
C GLN D 11 20.16 -36.20 -13.00
N ASP D 12 20.15 -35.87 -14.29
CA ASP D 12 18.98 -35.24 -14.89
C ASP D 12 17.76 -36.14 -14.81
N GLN D 13 17.96 -37.44 -14.94
CA GLN D 13 16.83 -38.36 -14.88
C GLN D 13 16.36 -38.53 -13.42
N LEU D 14 17.28 -38.39 -12.47
CA LEU D 14 16.91 -38.36 -11.06
C LEU D 14 16.13 -37.08 -10.72
N LYS D 15 16.56 -35.96 -11.28
CA LYS D 15 15.84 -34.70 -11.13
C LYS D 15 14.46 -34.74 -11.76
N GLN D 16 14.36 -35.34 -12.95
CA GLN D 16 13.08 -35.50 -13.62
C GLN D 16 12.15 -36.34 -12.76
N ALA D 17 12.70 -37.39 -12.17
CA ALA D 17 11.92 -38.31 -11.34
C ALA D 17 11.33 -37.63 -10.10
N VAL D 18 12.14 -36.86 -9.38
CA VAL D 18 11.63 -36.21 -8.17
C VAL D 18 10.66 -35.09 -8.52
N ALA D 19 10.91 -34.42 -9.65
CA ALA D 19 9.99 -33.39 -10.12
C ALA D 19 8.62 -33.99 -10.37
N GLN D 20 8.58 -35.10 -11.10
CA GLN D 20 7.32 -35.79 -11.36
C GLN D 20 6.70 -36.29 -10.06
N ALA D 21 7.54 -36.79 -9.15
CA ALA D 21 7.05 -37.30 -7.87
C ALA D 21 6.34 -36.18 -7.08
N ALA D 22 6.87 -34.97 -7.14
CA ALA D 22 6.23 -33.84 -6.46
C ALA D 22 4.88 -33.52 -7.08
N VAL D 23 4.81 -33.52 -8.41
CA VAL D 23 3.54 -33.32 -9.10
C VAL D 23 2.52 -34.38 -8.69
N ASP D 24 2.95 -35.64 -8.72
CA ASP D 24 2.05 -36.74 -8.36
C ASP D 24 1.58 -36.62 -6.92
N HIS D 25 2.47 -36.15 -6.04
CA HIS D 25 2.12 -35.97 -4.64
C HIS D 25 1.06 -34.89 -4.43
N ILE D 26 1.24 -33.73 -5.07
CA ILE D 26 0.33 -32.62 -4.83
C ILE D 26 -0.95 -32.70 -5.65
N LEU D 27 -0.91 -33.41 -6.77
CA LEU D 27 -2.04 -33.41 -7.71
C LEU D 27 -3.41 -33.69 -7.08
N PRO D 28 -3.54 -34.77 -6.27
CA PRO D 28 -4.85 -35.04 -5.68
C PRO D 28 -5.35 -33.92 -4.74
N HIS D 29 -4.43 -33.07 -4.28
CA HIS D 29 -4.78 -32.01 -3.35
C HIS D 29 -5.22 -30.74 -4.05
N LEU D 30 -4.95 -30.66 -5.35
CA LEU D 30 -5.18 -29.42 -6.08
C LEU D 30 -6.66 -29.25 -6.47
N ASP D 31 -7.10 -27.99 -6.52
CA ASP D 31 -8.40 -27.67 -7.08
C ASP D 31 -8.33 -26.29 -7.74
N SER D 32 -9.49 -25.79 -8.16
CA SER D 32 -9.53 -24.54 -8.92
C SER D 32 -9.06 -23.32 -8.13
N LYS D 33 -8.90 -23.46 -6.81
CA LYS D 33 -8.42 -22.37 -5.97
C LYS D 33 -6.92 -22.48 -5.66
N SER D 34 -6.31 -23.61 -6.01
CA SER D 34 -4.92 -23.84 -5.63
C SER D 34 -3.94 -22.91 -6.31
N ILE D 35 -3.05 -22.33 -5.52
CA ILE D 35 -1.93 -21.55 -6.03
C ILE D 35 -0.65 -22.20 -5.52
N VAL D 36 0.21 -22.63 -6.44
CA VAL D 36 1.41 -23.38 -6.09
C VAL D 36 2.63 -22.46 -6.03
N GLY D 37 3.37 -22.52 -4.92
CA GLY D 37 4.64 -21.80 -4.84
C GLY D 37 5.72 -22.57 -5.57
N VAL D 38 6.53 -21.88 -6.38
CA VAL D 38 7.45 -22.56 -7.28
C VAL D 38 8.88 -22.06 -7.12
N GLY D 39 9.80 -23.02 -6.97
CA GLY D 39 11.22 -22.75 -6.85
C GLY D 39 11.89 -22.26 -8.11
N THR D 40 13.23 -22.25 -8.07
CA THR D 40 14.07 -21.75 -9.15
C THR D 40 15.22 -22.72 -9.37
N GLY D 41 15.64 -22.91 -10.62
CA GLY D 41 16.83 -23.70 -10.90
C GLY D 41 16.51 -24.97 -11.65
N SER D 42 17.54 -25.80 -11.84
CA SER D 42 17.42 -26.95 -12.73
C SER D 42 16.33 -27.94 -12.30
N THR D 43 16.28 -28.29 -11.03
CA THR D 43 15.29 -29.26 -10.56
C THR D 43 13.89 -28.66 -10.61
N ALA D 44 13.77 -27.42 -10.12
CA ALA D 44 12.50 -26.69 -10.18
C ALA D 44 11.99 -26.56 -11.62
N ASN D 45 12.91 -26.41 -12.57
CA ASN D 45 12.48 -26.28 -13.96
C ASN D 45 11.84 -27.55 -14.52
N PHE D 46 12.37 -28.71 -14.16
CA PHE D 46 11.69 -29.96 -14.49
C PHE D 46 10.30 -30.01 -13.80
N PHE D 47 10.22 -29.50 -12.58
CA PHE D 47 8.94 -29.45 -11.88
C PHE D 47 7.94 -28.55 -12.62
N ILE D 48 8.39 -27.38 -13.04
CA ILE D 48 7.52 -26.46 -13.79
C ILE D 48 6.94 -27.13 -15.04
N ASP D 49 7.81 -27.78 -15.80
CA ASP D 49 7.38 -28.41 -17.04
C ASP D 49 6.41 -29.58 -16.79
N ALA D 50 6.65 -30.34 -15.72
CA ALA D 50 5.76 -31.44 -15.38
C ALA D 50 4.42 -30.94 -14.83
N LEU D 51 4.46 -29.88 -14.02
CA LEU D 51 3.25 -29.29 -13.45
C LEU D 51 2.36 -28.69 -14.55
N ALA D 52 2.99 -28.10 -15.56
CA ALA D 52 2.25 -27.44 -16.64
C ALA D 52 1.37 -28.42 -17.42
N ARG D 53 1.75 -29.70 -17.42
CA ARG D 53 0.95 -30.74 -18.07
C ARG D 53 -0.37 -30.99 -17.33
N HIS D 54 -0.54 -30.32 -16.18
CA HIS D 54 -1.77 -30.39 -15.39
C HIS D 54 -2.32 -29.01 -15.06
N LYS D 55 -2.00 -28.02 -15.88
CA LYS D 55 -2.39 -26.64 -15.57
C LYS D 55 -3.91 -26.42 -15.45
N ALA D 56 -4.71 -27.28 -16.08
CA ALA D 56 -6.16 -27.18 -15.97
C ALA D 56 -6.66 -27.51 -14.55
N GLU D 57 -5.80 -28.11 -13.74
CA GLU D 57 -6.19 -28.64 -12.43
C GLU D 57 -6.00 -27.66 -11.27
N PHE D 58 -5.41 -26.50 -11.53
CA PHE D 58 -5.20 -25.51 -10.48
C PHE D 58 -5.29 -24.10 -11.03
N ASP D 59 -5.30 -23.12 -10.14
CA ASP D 59 -5.46 -21.72 -10.53
C ASP D 59 -4.15 -21.19 -11.13
N GLY D 60 -3.14 -21.00 -10.30
CA GLY D 60 -1.89 -20.46 -10.80
C GLY D 60 -0.75 -20.71 -9.85
N ALA D 61 0.26 -19.84 -9.92
CA ALA D 61 1.50 -20.05 -9.20
C ALA D 61 2.09 -18.75 -8.70
N VAL D 62 2.91 -18.84 -7.66
CA VAL D 62 3.75 -17.73 -7.21
C VAL D 62 5.20 -18.12 -7.53
N ALA D 63 5.92 -17.20 -8.15
CA ALA D 63 7.30 -17.45 -8.57
C ALA D 63 8.30 -17.02 -7.49
N SER D 64 9.45 -17.70 -7.45
CA SER D 64 10.54 -17.33 -6.55
C SER D 64 11.69 -16.63 -7.29
N SER D 65 11.50 -16.34 -8.57
CA SER D 65 12.47 -15.57 -9.34
C SER D 65 11.83 -15.03 -10.61
N GLU D 66 12.47 -14.04 -11.21
CA GLU D 66 12.04 -13.57 -12.52
C GLU D 66 12.14 -14.70 -13.55
N ALA D 67 13.18 -15.51 -13.48
CA ALA D 67 13.36 -16.62 -14.40
C ALA D 67 12.20 -17.61 -14.31
N THR D 68 11.80 -17.93 -13.08
CA THR D 68 10.68 -18.84 -12.86
C THR D 68 9.36 -18.22 -13.32
N ALA D 69 9.16 -16.93 -13.06
CA ALA D 69 7.95 -16.25 -13.54
C ALA D 69 7.83 -16.36 -15.06
N LYS D 70 8.95 -16.15 -15.75
CA LYS D 70 8.98 -16.21 -17.20
CA LYS D 70 8.98 -16.21 -17.20
C LYS D 70 8.60 -17.60 -17.70
N ARG D 71 9.19 -18.63 -17.08
CA ARG D 71 8.94 -20.00 -17.49
CA ARG D 71 8.94 -20.00 -17.49
C ARG D 71 7.49 -20.42 -17.26
N LEU D 72 6.91 -19.99 -16.14
CA LEU D 72 5.50 -20.28 -15.84
C LEU D 72 4.60 -19.63 -16.89
N LYS D 73 4.86 -18.36 -17.19
CA LYS D 73 4.08 -17.63 -18.19
CA LYS D 73 4.08 -17.64 -18.18
C LYS D 73 4.17 -18.28 -19.57
N GLU D 74 5.35 -18.77 -19.92
CA GLU D 74 5.55 -19.43 -21.20
C GLU D 74 4.66 -20.66 -21.33
N HIS D 75 4.29 -21.25 -20.19
CA HIS D 75 3.35 -22.37 -20.16
C HIS D 75 1.90 -21.96 -20.00
N GLY D 76 1.61 -20.67 -19.95
CA GLY D 76 0.25 -20.22 -19.78
C GLY D 76 -0.31 -20.54 -18.39
N ILE D 77 0.57 -20.57 -17.40
CA ILE D 77 0.14 -20.66 -16.01
C ILE D 77 0.10 -19.25 -15.43
N PRO D 78 -1.06 -18.85 -14.88
CA PRO D 78 -1.11 -17.53 -14.23
C PRO D 78 -0.06 -17.39 -13.14
N VAL D 79 0.62 -16.26 -13.12
CA VAL D 79 1.59 -15.96 -12.07
C VAL D 79 1.06 -14.81 -11.23
N TYR D 80 0.93 -15.06 -9.95
CA TYR D 80 0.42 -14.07 -9.01
C TYR D 80 1.55 -13.61 -8.10
N GLU D 81 1.50 -12.37 -7.64
CA GLU D 81 2.48 -11.89 -6.67
C GLU D 81 2.16 -12.49 -5.30
N LEU D 82 3.20 -12.79 -4.53
CA LEU D 82 3.03 -13.33 -3.19
C LEU D 82 2.19 -12.39 -2.32
N ASN D 83 2.27 -11.09 -2.57
CA ASN D 83 1.54 -10.09 -1.80
C ASN D 83 0.02 -10.29 -1.83
N THR D 84 -0.47 -11.08 -2.80
CA THR D 84 -1.91 -11.29 -2.97
C THR D 84 -2.44 -12.53 -2.24
N VAL D 85 -1.57 -13.23 -1.50
CA VAL D 85 -2.03 -14.37 -0.71
C VAL D 85 -1.58 -14.26 0.74
N SER D 86 -2.27 -14.97 1.63
CA SER D 86 -1.83 -15.05 3.03
C SER D 86 -1.25 -16.43 3.36
N GLU D 87 -1.46 -17.38 2.46
CA GLU D 87 -0.91 -18.71 2.60
CA GLU D 87 -0.96 -18.74 2.63
C GLU D 87 -0.93 -19.42 1.26
N LEU D 88 -0.02 -20.37 1.08
CA LEU D 88 0.01 -21.26 -0.08
C LEU D 88 0.02 -22.67 0.52
N GLU D 89 -0.70 -23.61 -0.06
CA GLU D 89 -0.66 -24.97 0.46
C GLU D 89 0.74 -25.58 0.28
N PHE D 90 1.31 -25.40 -0.91
CA PHE D 90 2.59 -26.03 -1.26
C PHE D 90 3.59 -25.03 -1.81
N TYR D 91 4.86 -25.24 -1.46
CA TYR D 91 6.01 -24.63 -2.12
C TYR D 91 6.93 -25.79 -2.49
N VAL D 92 7.35 -25.85 -3.75
CA VAL D 92 8.20 -26.95 -4.24
C VAL D 92 9.48 -26.37 -4.84
N ASP D 93 10.63 -26.86 -4.38
CA ASP D 93 11.92 -26.29 -4.80
C ASP D 93 13.02 -27.32 -4.56
N GLY D 94 14.14 -27.15 -5.27
CA GLY D 94 15.32 -27.95 -5.01
C GLY D 94 16.16 -27.40 -3.87
N ALA D 95 17.36 -27.97 -3.70
CA ALA D 95 18.31 -27.51 -2.67
C ALA D 95 19.69 -27.98 -3.09
N ASP D 96 20.72 -27.41 -2.46
CA ASP D 96 22.09 -27.86 -2.68
C ASP D 96 22.52 -28.96 -1.72
N GLU D 97 22.03 -28.90 -0.48
CA GLU D 97 22.20 -29.97 0.49
C GLU D 97 20.98 -30.04 1.38
N SER D 98 20.67 -31.24 1.85
CA SER D 98 19.78 -31.44 2.97
C SER D 98 20.46 -32.37 3.95
N ASN D 99 20.26 -32.16 5.25
CA ASN D 99 20.60 -33.20 6.22
C ASN D 99 19.36 -34.04 6.54
N GLU D 100 19.49 -34.99 7.47
CA GLU D 100 18.37 -35.88 7.77
C GLU D 100 17.24 -35.20 8.57
N ARG D 101 17.50 -34.00 9.07
CA ARG D 101 16.47 -33.21 9.72
C ARG D 101 15.78 -32.26 8.73
N LEU D 102 16.07 -32.44 7.44
CA LEU D 102 15.46 -31.62 6.38
C LEU D 102 15.85 -30.15 6.47
N GLU D 103 16.94 -29.87 7.17
CA GLU D 103 17.56 -28.55 7.16
C GLU D 103 18.44 -28.45 5.91
N LEU D 104 18.35 -27.33 5.20
CA LEU D 104 18.92 -27.22 3.85
C LEU D 104 20.00 -26.16 3.73
N ILE D 105 20.91 -26.38 2.79
CA ILE D 105 21.66 -25.28 2.20
C ILE D 105 21.09 -25.00 0.81
N LYS D 106 20.71 -23.74 0.57
CA LYS D 106 20.18 -23.28 -0.71
C LYS D 106 20.90 -22.02 -1.16
N GLY D 107 20.75 -21.69 -2.44
CA GLY D 107 21.33 -20.48 -2.99
C GLY D 107 22.39 -20.67 -4.06
N GLY D 108 22.69 -21.91 -4.42
CA GLY D 108 23.54 -22.16 -5.57
C GLY D 108 23.04 -21.42 -6.80
N GLY D 109 21.72 -21.42 -6.99
CA GLY D 109 21.09 -20.75 -8.11
C GLY D 109 20.81 -19.27 -7.90
N ALA D 110 21.32 -18.71 -6.78
CA ALA D 110 21.29 -17.28 -6.51
C ALA D 110 19.92 -16.69 -6.15
N ALA D 111 18.91 -17.54 -5.99
CA ALA D 111 17.52 -17.09 -5.77
C ALA D 111 17.06 -17.30 -4.33
N LEU D 112 18.00 -17.53 -3.42
CA LEU D 112 17.67 -17.88 -2.04
C LEU D 112 16.71 -16.93 -1.32
N THR D 113 16.78 -15.63 -1.59
CA THR D 113 15.95 -14.68 -0.85
C THR D 113 14.46 -14.84 -1.15
N ARG D 114 14.06 -14.72 -2.42
CA ARG D 114 12.65 -14.86 -2.74
C ARG D 114 12.17 -16.30 -2.50
N GLU D 115 13.05 -17.28 -2.68
CA GLU D 115 12.72 -18.66 -2.36
C GLU D 115 12.36 -18.80 -0.87
N LYS D 116 13.17 -18.19 0.00
CA LYS D 116 12.99 -18.32 1.45
C LYS D 116 11.70 -17.61 1.87
N ILE D 117 11.40 -16.50 1.21
CA ILE D 117 10.19 -15.73 1.50
C ILE D 117 8.93 -16.51 1.08
N VAL D 118 8.92 -17.06 -0.14
CA VAL D 118 7.77 -17.85 -0.56
C VAL D 118 7.61 -19.07 0.36
N ALA D 119 8.71 -19.72 0.71
CA ALA D 119 8.66 -20.89 1.59
C ALA D 119 8.03 -20.54 2.95
N ALA D 120 8.28 -19.32 3.42
CA ALA D 120 7.73 -18.87 4.70
C ALA D 120 6.20 -18.79 4.68
N VAL D 121 5.64 -18.48 3.51
CA VAL D 121 4.20 -18.33 3.36
C VAL D 121 3.50 -19.69 3.11
N ALA D 122 4.25 -20.65 2.56
CA ALA D 122 3.69 -21.98 2.29
C ALA D 122 3.51 -22.81 3.55
N LYS D 123 2.43 -23.58 3.57
CA LYS D 123 2.19 -24.52 4.66
C LYS D 123 3.13 -25.71 4.57
N THR D 124 3.23 -26.30 3.38
CA THR D 124 4.08 -27.46 3.19
C THR D 124 5.16 -27.20 2.16
N PHE D 125 6.41 -27.24 2.60
CA PHE D 125 7.58 -27.05 1.74
C PHE D 125 8.08 -28.43 1.37
N ILE D 126 7.90 -28.78 0.09
CA ILE D 126 8.42 -30.02 -0.46
C ILE D 126 9.74 -29.72 -1.16
N CYS D 127 10.82 -30.32 -0.67
CA CYS D 127 12.13 -30.20 -1.31
C CYS D 127 12.34 -31.42 -2.21
N ILE D 128 12.72 -31.16 -3.46
CA ILE D 128 12.99 -32.22 -4.42
C ILE D 128 14.48 -32.25 -4.77
N ALA D 129 15.11 -33.40 -4.64
CA ALA D 129 16.55 -33.47 -4.82
C ALA D 129 17.01 -34.86 -5.24
N ASP D 130 18.09 -34.93 -6.01
CA ASP D 130 18.70 -36.22 -6.27
C ASP D 130 19.48 -36.66 -5.04
N ALA D 131 19.73 -37.96 -4.94
CA ALA D 131 20.27 -38.59 -3.73
C ALA D 131 21.57 -37.99 -3.19
N SER D 132 22.43 -37.53 -4.09
CA SER D 132 23.75 -37.04 -3.69
C SER D 132 23.69 -35.79 -2.80
N LYS D 133 22.53 -35.16 -2.72
CA LYS D 133 22.40 -33.92 -1.96
CA LYS D 133 22.40 -33.92 -1.96
C LYS D 133 22.09 -34.16 -0.49
N LEU D 134 21.80 -35.41 -0.14
CA LEU D 134 21.58 -35.76 1.27
C LEU D 134 22.92 -36.03 1.95
N VAL D 135 23.25 -35.22 2.96
CA VAL D 135 24.56 -35.28 3.61
C VAL D 135 24.40 -35.46 5.11
N PRO D 136 25.40 -36.07 5.77
CA PRO D 136 25.35 -36.23 7.23
C PRO D 136 25.39 -34.89 7.96
N ILE D 137 26.24 -33.99 7.49
CA ILE D 137 26.40 -32.68 8.11
C ILE D 137 26.48 -31.63 7.00
N LEU D 138 25.67 -30.57 7.10
CA LEU D 138 25.71 -29.48 6.13
C LEU D 138 27.07 -28.78 6.10
N GLY D 139 27.48 -28.33 4.91
CA GLY D 139 28.56 -27.37 4.81
C GLY D 139 29.65 -27.63 3.80
N GLN D 140 29.73 -28.85 3.28
CA GLN D 140 30.71 -29.13 2.24
C GLN D 140 30.41 -28.26 1.01
N PHE D 141 29.14 -28.16 0.66
CA PHE D 141 28.71 -27.20 -0.35
C PHE D 141 28.76 -25.82 0.30
N PRO D 142 29.51 -24.86 -0.29
CA PRO D 142 29.65 -23.58 0.40
C PRO D 142 28.31 -22.87 0.61
N LEU D 143 28.14 -22.25 1.77
CA LEU D 143 26.87 -21.65 2.15
C LEU D 143 26.68 -20.28 1.50
N PRO D 144 25.67 -20.12 0.64
CA PRO D 144 25.44 -18.79 0.06
C PRO D 144 24.84 -17.81 1.07
N VAL D 145 25.32 -16.57 1.04
CA VAL D 145 24.81 -15.50 1.87
C VAL D 145 24.60 -14.27 0.96
N GLU D 146 23.37 -13.77 0.91
CA GLU D 146 23.07 -12.60 0.08
C GLU D 146 23.37 -11.34 0.90
N VAL D 147 24.11 -10.41 0.30
CA VAL D 147 24.72 -9.29 1.01
C VAL D 147 24.50 -7.97 0.25
N ILE D 148 24.17 -6.91 0.99
CA ILE D 148 24.12 -5.57 0.41
C ILE D 148 25.51 -5.26 -0.19
N PRO D 149 25.58 -4.84 -1.47
CA PRO D 149 26.91 -4.74 -2.10
C PRO D 149 27.93 -3.88 -1.33
N MET D 150 27.51 -2.75 -0.75
CA MET D 150 28.46 -1.88 -0.06
C MET D 150 28.91 -2.46 1.29
N ALA D 151 28.32 -3.59 1.69
CA ALA D 151 28.65 -4.27 2.95
C ALA D 151 29.59 -5.46 2.78
N ARG D 152 30.04 -5.72 1.55
CA ARG D 152 30.86 -6.89 1.24
C ARG D 152 31.98 -7.15 2.26
N SER D 153 32.87 -6.18 2.45
CA SER D 153 34.03 -6.39 3.31
CA SER D 153 34.02 -6.44 3.30
C SER D 153 33.64 -6.60 4.77
N HIS D 154 32.66 -5.82 5.24
CA HIS D 154 32.17 -5.95 6.61
C HIS D 154 31.59 -7.33 6.86
N VAL D 155 30.68 -7.77 5.99
CA VAL D 155 30.03 -9.05 6.20
C VAL D 155 31.05 -10.20 6.10
N ALA D 156 31.98 -10.12 5.14
CA ALA D 156 33.05 -11.10 5.06
C ALA D 156 33.81 -11.22 6.39
N ARG D 157 34.17 -10.09 6.99
CA ARG D 157 34.87 -10.13 8.28
C ARG D 157 34.04 -10.84 9.34
N GLN D 158 32.75 -10.59 9.35
CA GLN D 158 31.89 -11.19 10.37
C GLN D 158 31.69 -12.69 10.16
N LEU D 159 31.72 -13.12 8.89
CA LEU D 159 31.62 -14.53 8.57
C LEU D 159 32.90 -15.29 8.94
N VAL D 160 34.05 -14.63 8.78
CA VAL D 160 35.30 -15.20 9.26
C VAL D 160 35.24 -15.48 10.76
N LYS D 161 34.62 -14.59 11.52
CA LYS D 161 34.48 -14.79 12.97
C LYS D 161 33.67 -16.04 13.30
N LEU D 162 32.79 -16.44 12.39
CA LEU D 162 31.99 -17.64 12.58
C LEU D 162 32.67 -18.90 12.07
N GLY D 163 33.92 -18.78 11.62
CA GLY D 163 34.69 -19.94 11.19
C GLY D 163 34.58 -20.28 9.73
N GLY D 164 34.13 -19.33 8.91
CA GLY D 164 34.03 -19.57 7.48
C GLY D 164 35.05 -18.82 6.64
N ASP D 165 35.26 -19.30 5.41
CA ASP D 165 36.08 -18.64 4.40
C ASP D 165 35.14 -18.10 3.31
N PRO D 166 34.77 -16.81 3.38
CA PRO D 166 33.80 -16.29 2.40
C PRO D 166 34.45 -15.94 1.06
N VAL D 167 33.72 -16.19 -0.03
CA VAL D 167 34.20 -15.89 -1.38
C VAL D 167 33.10 -15.16 -2.15
N TYR D 168 33.40 -13.96 -2.60
CA TYR D 168 32.48 -13.20 -3.43
C TYR D 168 32.22 -13.92 -4.75
N ARG D 169 30.96 -14.04 -5.13
CA ARG D 169 30.59 -14.72 -6.37
C ARG D 169 30.67 -13.70 -7.51
N GLU D 170 31.82 -13.69 -8.20
CA GLU D 170 32.14 -12.66 -9.18
C GLU D 170 31.06 -12.45 -10.23
N GLY D 171 30.66 -11.19 -10.41
CA GLY D 171 29.77 -10.81 -11.50
C GLY D 171 28.31 -11.13 -11.33
N VAL D 172 27.94 -11.73 -10.21
CA VAL D 172 26.55 -12.12 -9.99
C VAL D 172 25.80 -11.07 -9.17
N LEU D 173 24.62 -10.69 -9.65
CA LEU D 173 23.68 -9.93 -8.85
C LEU D 173 22.38 -10.71 -8.82
N THR D 174 21.76 -10.82 -7.65
CA THR D 174 20.48 -11.51 -7.52
C THR D 174 19.35 -10.67 -8.12
N ASP D 175 18.14 -11.23 -8.18
CA ASP D 175 16.97 -10.46 -8.62
C ASP D 175 16.80 -9.18 -7.78
N ASN D 176 17.32 -9.19 -6.56
CA ASN D 176 17.14 -8.07 -5.64
C ASN D 176 18.28 -7.06 -5.73
N GLY D 177 19.24 -7.31 -6.62
CA GLY D 177 20.35 -6.39 -6.81
C GLY D 177 21.49 -6.53 -5.80
N ASN D 178 21.56 -7.67 -5.13
CA ASN D 178 22.59 -7.91 -4.14
C ASN D 178 23.66 -8.89 -4.61
N ILE D 179 24.81 -8.88 -3.94
CA ILE D 179 25.86 -9.86 -4.20
C ILE D 179 25.65 -11.10 -3.34
N ILE D 180 26.45 -12.12 -3.64
CA ILE D 180 26.48 -13.31 -2.83
CA ILE D 180 26.50 -13.36 -2.87
C ILE D 180 27.91 -13.60 -2.39
N LEU D 181 28.07 -13.92 -1.10
CA LEU D 181 29.30 -14.47 -0.57
C LEU D 181 29.01 -15.94 -0.31
N ASP D 182 29.81 -16.82 -0.92
CA ASP D 182 29.70 -18.26 -0.67
C ASP D 182 30.71 -18.62 0.39
N VAL D 183 30.25 -19.23 1.48
CA VAL D 183 31.10 -19.42 2.64
C VAL D 183 31.58 -20.86 2.74
N HIS D 184 32.88 -21.05 2.56
CA HIS D 184 33.51 -22.36 2.57
C HIS D 184 33.96 -22.77 3.96
N ASN D 185 34.06 -24.08 4.18
CA ASN D 185 34.71 -24.65 5.36
C ASN D 185 33.98 -24.51 6.70
N LEU D 186 32.66 -24.36 6.63
CA LEU D 186 31.81 -24.47 7.82
C LEU D 186 31.43 -25.93 8.05
N ARG D 187 31.52 -26.38 9.30
CA ARG D 187 30.97 -27.66 9.71
C ARG D 187 29.70 -27.31 10.49
N ILE D 188 28.55 -27.41 9.81
CA ILE D 188 27.32 -26.85 10.36
C ILE D 188 26.54 -27.89 11.17
N ASP D 189 27.02 -28.14 12.38
CA ASP D 189 26.42 -29.13 13.28
C ASP D 189 25.07 -28.64 13.82
N SER D 190 24.91 -27.32 13.90
CA SER D 190 23.67 -26.75 14.42
CA SER D 190 23.66 -26.75 14.42
C SER D 190 23.12 -25.68 13.47
N PRO D 191 22.47 -26.12 12.39
CA PRO D 191 22.02 -25.18 11.36
C PRO D 191 21.06 -24.09 11.86
N VAL D 192 20.16 -24.40 12.79
CA VAL D 192 19.23 -23.38 13.27
C VAL D 192 20.01 -22.27 13.98
N GLU D 193 20.97 -22.66 14.81
CA GLU D 193 21.79 -21.70 15.54
C GLU D 193 22.64 -20.86 14.61
N LEU D 194 23.27 -21.48 13.62
CA LEU D 194 24.13 -20.74 12.72
C LEU D 194 23.31 -19.78 11.86
N GLU D 195 22.12 -20.22 11.43
CA GLU D 195 21.25 -19.36 10.64
C GLU D 195 20.95 -18.08 11.39
N GLU D 196 20.65 -18.22 12.68
CA GLU D 196 20.38 -17.07 13.55
C GLU D 196 21.62 -16.18 13.70
N LYS D 197 22.79 -16.79 13.91
CA LYS D 197 24.03 -16.02 14.04
C LYS D 197 24.32 -15.20 12.80
N ILE D 198 24.09 -15.78 11.62
CA ILE D 198 24.37 -15.06 10.39
C ILE D 198 23.35 -13.92 10.20
N ASN D 199 22.10 -14.15 10.58
CA ASN D 199 21.09 -13.10 10.51
C ASN D 199 21.37 -11.91 11.46
N ALA D 200 22.24 -12.11 12.44
CA ALA D 200 22.65 -11.06 13.34
C ALA D 200 23.70 -10.12 12.71
N ILE D 201 24.22 -10.48 11.55
CA ILE D 201 25.20 -9.65 10.85
C ILE D 201 24.48 -8.59 10.02
N VAL D 202 24.70 -7.33 10.36
CA VAL D 202 24.12 -6.22 9.61
C VAL D 202 24.77 -6.17 8.24
N GLY D 203 23.94 -6.11 7.20
CA GLY D 203 24.40 -6.21 5.82
C GLY D 203 23.99 -7.50 5.14
N VAL D 204 23.64 -8.51 5.94
CA VAL D 204 23.07 -9.75 5.41
C VAL D 204 21.60 -9.53 5.06
N VAL D 205 21.22 -9.90 3.84
CA VAL D 205 19.82 -9.83 3.40
C VAL D 205 19.13 -11.13 3.78
N THR D 206 19.66 -12.24 3.30
CA THR D 206 19.26 -13.58 3.75
CA THR D 206 19.22 -13.57 3.67
C THR D 206 20.45 -14.49 3.65
N ASN D 207 20.41 -15.58 4.42
CA ASN D 207 21.40 -16.63 4.26
C ASN D 207 20.73 -17.92 3.79
N GLY D 208 21.52 -18.81 3.20
CA GLY D 208 20.98 -19.99 2.55
C GLY D 208 20.65 -21.17 3.44
N LEU D 209 20.74 -21.00 4.75
CA LEU D 209 20.28 -22.07 5.65
C LEU D 209 18.76 -22.00 5.77
N PHE D 210 18.07 -23.03 5.30
CA PHE D 210 16.64 -23.14 5.56
C PHE D 210 16.51 -24.14 6.70
N ALA D 211 16.59 -23.64 7.93
CA ALA D 211 16.71 -24.51 9.10
C ALA D 211 15.62 -24.20 10.14
N ALA D 212 15.48 -22.93 10.53
CA ALA D 212 14.37 -22.55 11.42
C ALA D 212 13.03 -22.91 10.79
N ARG D 213 12.93 -22.70 9.47
CA ARG D 213 11.81 -23.20 8.66
C ARG D 213 12.44 -24.17 7.66
N PRO D 214 12.53 -25.45 8.04
CA PRO D 214 13.15 -26.46 7.17
C PRO D 214 12.15 -26.97 6.15
N ALA D 215 12.57 -27.89 5.29
CA ALA D 215 11.59 -28.59 4.45
C ALA D 215 10.68 -29.43 5.34
N ASP D 216 9.45 -29.64 4.87
CA ASP D 216 8.49 -30.51 5.54
C ASP D 216 8.54 -31.93 5.00
N LEU D 217 8.85 -32.03 3.72
CA LEU D 217 8.94 -33.31 3.01
C LEU D 217 10.13 -33.23 2.07
N LEU D 218 10.91 -34.30 2.01
CA LEU D 218 12.04 -34.39 1.08
C LEU D 218 11.82 -35.58 0.15
N LEU D 219 11.69 -35.31 -1.14
CA LEU D 219 11.59 -36.36 -2.14
C LEU D 219 12.97 -36.54 -2.74
N LEU D 220 13.55 -37.71 -2.54
CA LEU D 220 14.93 -37.97 -2.92
CA LEU D 220 14.93 -37.98 -2.90
C LEU D 220 15.01 -38.98 -4.04
N GLY D 221 15.60 -38.58 -5.15
CA GLY D 221 15.71 -39.45 -6.32
C GLY D 221 16.91 -40.33 -6.22
N THR D 222 16.66 -41.64 -6.11
CA THR D 222 17.72 -42.62 -6.00
C THR D 222 17.63 -43.64 -7.15
N ALA D 223 18.62 -44.51 -7.24
CA ALA D 223 18.63 -45.54 -8.26
C ALA D 223 17.49 -46.53 -8.05
N ASP D 224 17.00 -46.61 -6.83
CA ASP D 224 15.91 -47.52 -6.49
C ASP D 224 14.56 -46.82 -6.49
N GLY D 225 14.53 -45.61 -7.07
CA GLY D 225 13.31 -44.83 -7.16
C GLY D 225 13.30 -43.65 -6.22
N VAL D 226 12.17 -42.95 -6.16
CA VAL D 226 12.04 -41.77 -5.32
C VAL D 226 11.62 -42.16 -3.91
N LYS D 227 12.40 -41.71 -2.94
CA LYS D 227 12.11 -41.98 -1.53
C LYS D 227 11.55 -40.73 -0.87
N THR D 228 10.62 -40.94 0.05
CA THR D 228 10.02 -39.84 0.80
C THR D 228 10.57 -39.79 2.22
N LEU D 229 11.25 -38.70 2.54
CA LEU D 229 11.88 -38.53 3.84
C LEU D 229 11.21 -37.42 4.64
N LYS D 230 11.14 -37.63 5.96
CA LYS D 230 10.64 -36.64 6.92
C LYS D 230 11.66 -36.49 8.04
N ALA D 231 11.60 -35.36 8.74
CA ALA D 231 12.51 -35.07 9.85
C ALA D 231 12.29 -35.95 11.07
#